data_1LOA
#
_entry.id   1LOA
#
_cell.length_a   56.300
_cell.length_b   139.800
_cell.length_c   62.700
_cell.angle_alpha   90.00
_cell.angle_beta   91.00
_cell.angle_gamma   90.00
#
_symmetry.space_group_name_H-M   'P 1 21 1'
#
loop_
_entity.id
_entity.type
_entity.pdbx_description
1 polymer 'LEGUME ISOLECTIN I (ALPHA CHAIN)'
2 polymer 'LEGUME ISOLECTIN I (BETA CHAIN)'
3 non-polymer 'methyl alpha-D-glucopyranoside'
4 non-polymer 'CALCIUM ION'
5 non-polymer 'MANGANESE (II) ION'
6 water water
#
loop_
_entity_poly.entity_id
_entity_poly.type
_entity_poly.pdbx_seq_one_letter_code
_entity_poly.pdbx_strand_id
1 'polypeptide(L)'
;TETTSFSITKFGPDQQNLIFQGDGYTTKERLTLTKAVRNTVGRALYSSPIHIWDSKTGNVANFVTSFTFVIDAPNSYNVA
DGFTFFIAPVDTKPQTGGGYLGVFNSKDYDKTSQTVAVEFDTFYNTAWDPSNGDRHIGIDVNSIKSINTKSWALQNGKEA
NVVIAFNAATNVLTVSLTYPN
;
A,C,E,G
2 'polypeptide(L)' ETSYTLNEVVPLKEFVPEWVRIGFSATTGAEFAAHEVLSWYFHSELAGTSSS B,D,F,H
#
loop_
_chem_comp.id
_chem_comp.type
_chem_comp.name
_chem_comp.formula
CA non-polymer 'CALCIUM ION' 'Ca 2'
GYP D-saccharide 'methyl alpha-D-glucopyranoside' 'C7 H14 O6'
MN non-polymer 'MANGANESE (II) ION' 'Mn 2'
#
# COMPACT_ATOMS: atom_id res chain seq x y z
N THR A 1 -8.06 -25.44 -2.37
CA THR A 1 -8.38 -24.28 -1.54
C THR A 1 -9.00 -23.10 -2.30
N GLU A 2 -9.81 -22.34 -1.55
CA GLU A 2 -10.58 -21.24 -2.03
C GLU A 2 -10.72 -20.27 -0.91
N THR A 3 -10.49 -18.97 -1.01
CA THR A 3 -10.61 -18.07 0.14
C THR A 3 -11.44 -16.82 -0.25
N THR A 4 -12.12 -16.09 0.61
CA THR A 4 -12.75 -14.82 0.26
C THR A 4 -12.38 -14.00 1.46
N SER A 5 -11.91 -12.77 1.39
CA SER A 5 -11.49 -11.99 2.56
C SER A 5 -11.74 -10.55 2.17
N PHE A 6 -12.14 -9.71 3.10
CA PHE A 6 -12.44 -8.33 2.77
C PHE A 6 -12.50 -7.55 4.08
N SER A 7 -12.37 -6.23 4.09
CA SER A 7 -12.57 -5.39 5.27
C SER A 7 -12.98 -4.01 4.76
N ILE A 8 -13.73 -3.38 5.64
CA ILE A 8 -14.34 -2.12 5.40
C ILE A 8 -14.32 -1.60 6.79
N THR A 9 -13.52 -0.59 6.84
CA THR A 9 -13.20 0.16 8.02
C THR A 9 -13.93 1.47 8.14
N LYS A 10 -14.46 2.01 7.08
CA LYS A 10 -15.12 3.28 7.10
C LYS A 10 -16.13 3.14 5.94
N PHE A 11 -17.45 3.15 6.16
CA PHE A 11 -18.42 2.92 5.09
C PHE A 11 -18.68 4.12 4.20
N GLY A 12 -18.41 4.05 2.91
CA GLY A 12 -18.62 5.18 1.99
C GLY A 12 -20.09 5.43 1.68
N PRO A 13 -20.56 6.49 1.02
CA PRO A 13 -21.92 6.58 0.51
C PRO A 13 -22.10 5.81 -0.74
N ASP A 14 -21.10 5.44 -1.50
CA ASP A 14 -21.29 4.62 -2.64
C ASP A 14 -20.52 3.31 -2.39
N GLN A 15 -20.99 2.54 -1.42
CA GLN A 15 -20.31 1.33 -0.98
C GLN A 15 -20.74 0.20 -1.87
N GLN A 16 -20.29 0.15 -3.09
CA GLN A 16 -20.85 -0.78 -4.02
C GLN A 16 -20.62 -2.26 -3.88
N ASN A 17 -19.93 -2.74 -2.85
CA ASN A 17 -19.76 -4.18 -2.74
C ASN A 17 -20.70 -4.75 -1.68
N LEU A 18 -21.65 -3.98 -1.24
CA LEU A 18 -22.71 -4.37 -0.36
C LEU A 18 -23.98 -4.38 -1.21
N ILE A 19 -24.97 -5.18 -0.82
CA ILE A 19 -26.28 -5.27 -1.45
C ILE A 19 -27.13 -4.82 -0.30
N PHE A 20 -27.89 -3.77 -0.53
CA PHE A 20 -28.74 -3.16 0.47
C PHE A 20 -30.21 -3.62 0.34
N GLN A 21 -30.91 -3.91 1.44
CA GLN A 21 -32.26 -4.37 1.33
C GLN A 21 -33.03 -3.65 2.39
N GLY A 22 -34.33 -3.45 2.29
CA GLY A 22 -35.08 -2.79 3.31
C GLY A 22 -34.71 -1.32 3.23
N ASP A 23 -34.46 -0.75 4.38
CA ASP A 23 -34.02 0.63 4.53
C ASP A 23 -32.60 0.77 5.04
N GLY A 24 -31.78 -0.18 4.63
CA GLY A 24 -30.41 -0.23 5.06
C GLY A 24 -29.68 0.57 4.05
N TYR A 25 -28.81 1.44 4.51
CA TYR A 25 -28.13 2.30 3.59
C TYR A 25 -26.88 2.76 4.29
N THR A 26 -25.99 3.27 3.51
CA THR A 26 -24.73 3.70 4.02
C THR A 26 -24.75 5.22 4.18
N THR A 27 -24.20 5.73 5.31
CA THR A 27 -24.11 7.16 5.62
C THR A 27 -23.06 7.61 6.65
N LYS A 28 -22.29 8.70 6.41
CA LYS A 28 -21.39 9.32 7.42
C LYS A 28 -20.33 8.32 7.86
N GLU A 29 -19.81 7.65 6.84
CA GLU A 29 -18.85 6.59 7.07
C GLU A 29 -19.39 5.43 7.96
N ARG A 30 -20.68 5.39 8.21
CA ARG A 30 -21.34 4.39 9.02
C ARG A 30 -22.24 3.53 8.14
N LEU A 31 -22.52 2.25 8.42
CA LEU A 31 -23.52 1.47 7.70
C LEU A 31 -24.78 1.58 8.53
N THR A 32 -25.90 2.20 8.12
CA THR A 32 -27.01 2.16 9.04
C THR A 32 -28.08 1.17 8.52
N LEU A 33 -28.53 0.36 9.46
CA LEU A 33 -29.52 -0.64 9.16
C LEU A 33 -30.87 -0.11 9.65
N THR A 34 -30.92 0.71 10.69
CA THR A 34 -32.18 1.24 11.16
C THR A 34 -31.87 2.63 11.68
N LYS A 35 -32.74 3.61 11.52
CA LYS A 35 -32.59 4.86 12.23
C LYS A 35 -33.45 4.67 13.45
N ALA A 36 -33.59 5.68 14.29
CA ALA A 36 -34.38 5.48 15.49
C ALA A 36 -35.85 5.63 15.13
N VAL A 37 -36.40 4.62 14.50
CA VAL A 37 -37.71 4.79 13.92
C VAL A 37 -38.49 3.50 13.99
N ARG A 38 -39.82 3.63 14.11
CA ARG A 38 -40.65 2.49 14.13
C ARG A 38 -40.70 1.78 12.80
N ASN A 39 -41.09 0.53 12.92
CA ASN A 39 -41.35 -0.41 11.85
C ASN A 39 -40.38 -0.53 10.70
N THR A 40 -39.07 -0.58 10.98
CA THR A 40 -38.09 -0.74 9.91
C THR A 40 -37.45 -2.12 9.87
N VAL A 41 -36.88 -2.38 8.71
CA VAL A 41 -36.15 -3.57 8.47
C VAL A 41 -35.05 -3.04 7.65
N GLY A 42 -33.79 -3.26 7.99
CA GLY A 42 -32.74 -2.87 7.08
C GLY A 42 -31.80 -4.03 6.95
N ARG A 43 -31.22 -4.37 5.82
CA ARG A 43 -30.29 -5.52 5.78
C ARG A 43 -29.10 -5.20 4.88
N ALA A 44 -27.97 -5.88 4.84
CA ALA A 44 -26.99 -5.55 3.83
C ALA A 44 -26.20 -6.82 3.76
N LEU A 45 -25.86 -7.28 2.59
CA LEU A 45 -25.24 -8.55 2.42
C LEU A 45 -23.95 -8.25 1.65
N TYR A 46 -22.79 -8.93 1.78
CA TYR A 46 -21.60 -8.67 0.96
C TYR A 46 -21.95 -9.16 -0.44
N SER A 47 -21.53 -8.49 -1.51
CA SER A 47 -21.91 -8.95 -2.82
C SER A 47 -21.39 -10.29 -3.27
N SER A 48 -20.38 -10.92 -2.75
CA SER A 48 -20.00 -12.17 -3.38
C SER A 48 -20.54 -13.33 -2.57
N PRO A 49 -21.08 -14.36 -3.26
CA PRO A 49 -21.42 -15.66 -2.72
C PRO A 49 -20.20 -16.16 -1.99
N ILE A 50 -20.18 -16.75 -0.79
CA ILE A 50 -18.92 -17.31 -0.37
C ILE A 50 -19.10 -18.88 -0.32
N HIS A 51 -18.11 -19.74 -0.70
CA HIS A 51 -18.21 -21.18 -0.68
C HIS A 51 -18.04 -21.72 0.72
N ILE A 52 -19.10 -21.95 1.46
CA ILE A 52 -18.98 -22.41 2.82
C ILE A 52 -18.76 -23.93 2.98
N TRP A 53 -19.03 -24.81 2.05
CA TRP A 53 -18.72 -26.22 2.20
C TRP A 53 -18.84 -26.75 0.80
N ASP A 54 -18.38 -27.95 0.56
CA ASP A 54 -18.41 -28.46 -0.78
C ASP A 54 -18.86 -29.92 -0.76
N SER A 55 -19.88 -30.27 -1.55
CA SER A 55 -20.41 -31.62 -1.52
C SER A 55 -19.48 -32.63 -2.19
N LYS A 56 -18.72 -32.12 -3.16
CA LYS A 56 -17.78 -32.95 -3.84
C LYS A 56 -16.65 -33.42 -2.91
N THR A 57 -16.29 -32.90 -1.72
CA THR A 57 -15.29 -33.52 -0.84
C THR A 57 -15.83 -33.60 0.56
N GLY A 58 -16.92 -32.93 0.96
CA GLY A 58 -17.39 -32.98 2.33
C GLY A 58 -16.70 -31.94 3.20
N ASN A 59 -15.81 -31.15 2.61
CA ASN A 59 -15.04 -30.13 3.31
C ASN A 59 -15.90 -28.98 3.70
N VAL A 60 -15.82 -28.49 4.91
CA VAL A 60 -16.49 -27.25 5.19
C VAL A 60 -15.34 -26.31 5.62
N ALA A 61 -15.66 -25.01 5.44
CA ALA A 61 -14.77 -23.88 5.56
C ALA A 61 -14.59 -23.36 6.95
N ASN A 62 -13.47 -22.72 7.13
CA ASN A 62 -13.25 -22.03 8.39
C ASN A 62 -13.62 -20.56 8.08
N PHE A 63 -14.21 -19.76 8.95
CA PHE A 63 -14.29 -18.33 8.72
C PHE A 63 -14.10 -17.59 10.02
N VAL A 64 -13.66 -16.35 9.95
CA VAL A 64 -13.72 -15.52 11.13
C VAL A 64 -14.31 -14.18 10.71
N THR A 65 -15.06 -13.44 11.49
CA THR A 65 -15.49 -12.13 11.09
C THR A 65 -15.46 -11.24 12.32
N SER A 66 -15.24 -9.92 12.15
CA SER A 66 -15.30 -8.97 13.26
C SER A 66 -16.08 -7.78 12.73
N PHE A 67 -16.74 -7.05 13.64
CA PHE A 67 -17.38 -5.81 13.30
C PHE A 67 -17.56 -5.01 14.56
N THR A 68 -17.69 -3.69 14.54
CA THR A 68 -18.05 -3.02 15.78
C THR A 68 -19.39 -2.36 15.41
N PHE A 69 -20.29 -2.11 16.35
CA PHE A 69 -21.62 -1.66 16.02
C PHE A 69 -22.11 -0.82 17.16
N VAL A 70 -23.19 -0.07 16.95
CA VAL A 70 -23.71 0.83 17.96
C VAL A 70 -25.20 0.49 17.94
N ILE A 71 -25.92 0.35 19.04
CA ILE A 71 -27.39 0.32 19.08
C ILE A 71 -27.66 1.65 19.77
N ASP A 72 -28.45 2.62 19.29
CA ASP A 72 -28.52 3.87 20.01
C ASP A 72 -29.96 4.12 20.16
N ALA A 73 -30.41 4.21 21.37
CA ALA A 73 -31.81 4.17 21.68
C ALA A 73 -32.18 5.27 22.61
N PRO A 74 -33.40 5.79 22.72
CA PRO A 74 -33.72 7.00 23.48
C PRO A 74 -33.48 6.89 24.96
N ASN A 75 -33.37 5.67 25.44
CA ASN A 75 -33.05 5.41 26.82
C ASN A 75 -32.87 3.92 26.88
N SER A 76 -32.52 3.39 28.01
CA SER A 76 -32.24 1.99 28.08
C SER A 76 -33.50 1.18 28.23
N TYR A 77 -34.63 1.80 28.60
CA TYR A 77 -35.82 1.00 28.78
C TYR A 77 -36.41 0.63 27.48
N ASN A 78 -36.71 1.60 26.63
CA ASN A 78 -37.45 1.32 25.42
C ASN A 78 -36.53 1.11 24.28
N VAL A 79 -36.08 -0.08 23.96
CA VAL A 79 -35.10 -0.31 22.92
C VAL A 79 -35.67 -1.47 22.14
N ALA A 80 -35.73 -1.56 20.83
CA ALA A 80 -36.12 -2.79 20.15
C ALA A 80 -35.65 -2.62 18.74
N ASP A 81 -35.46 -3.58 17.87
CA ASP A 81 -35.50 -4.98 18.19
C ASP A 81 -34.21 -5.75 18.32
N GLY A 82 -33.22 -5.53 17.49
CA GLY A 82 -32.06 -6.36 17.53
C GLY A 82 -31.33 -6.19 16.25
N PHE A 83 -30.28 -6.98 16.13
CA PHE A 83 -29.28 -6.90 15.08
C PHE A 83 -28.83 -8.33 14.83
N THR A 84 -28.25 -8.68 13.72
CA THR A 84 -27.91 -10.04 13.44
C THR A 84 -26.74 -10.14 12.50
N PHE A 85 -25.93 -11.19 12.52
CA PHE A 85 -25.07 -11.44 11.38
C PHE A 85 -25.70 -12.78 10.99
N PHE A 86 -25.90 -13.15 9.73
CA PHE A 86 -26.61 -14.33 9.33
C PHE A 86 -25.95 -14.93 8.11
N ILE A 87 -26.03 -16.24 7.88
CA ILE A 87 -25.53 -16.91 6.68
C ILE A 87 -26.82 -17.42 6.07
N ALA A 88 -27.03 -17.32 4.76
CA ALA A 88 -28.29 -17.61 4.17
C ALA A 88 -28.14 -17.93 2.71
N PRO A 89 -29.08 -18.48 1.93
CA PRO A 89 -28.83 -18.76 0.54
C PRO A 89 -28.50 -17.53 -0.27
N VAL A 90 -27.92 -17.77 -1.42
CA VAL A 90 -27.56 -16.71 -2.34
C VAL A 90 -28.71 -15.73 -2.61
N ASP A 91 -29.95 -16.14 -2.82
CA ASP A 91 -31.05 -15.18 -3.04
C ASP A 91 -31.82 -14.70 -1.82
N THR A 92 -31.36 -14.79 -0.58
CA THR A 92 -32.12 -14.37 0.58
C THR A 92 -32.71 -12.98 0.47
N LYS A 93 -33.84 -12.69 1.14
CA LYS A 93 -34.60 -11.45 1.04
C LYS A 93 -35.21 -11.25 2.39
N PRO A 94 -35.49 -10.04 2.86
CA PRO A 94 -35.96 -9.74 4.20
C PRO A 94 -37.16 -10.59 4.50
N GLN A 95 -37.26 -11.16 5.67
CA GLN A 95 -38.41 -11.96 6.02
C GLN A 95 -39.18 -11.04 6.93
N THR A 96 -39.86 -11.52 7.93
CA THR A 96 -40.60 -10.66 8.82
C THR A 96 -39.74 -9.68 9.64
N GLY A 97 -40.18 -8.47 9.92
CA GLY A 97 -39.49 -7.52 10.73
C GLY A 97 -39.93 -7.68 12.16
N GLY A 98 -40.00 -6.64 12.98
CA GLY A 98 -40.32 -6.72 14.40
C GLY A 98 -39.43 -7.77 15.05
N GLY A 99 -39.92 -8.44 16.10
CA GLY A 99 -39.27 -9.59 16.72
C GLY A 99 -38.61 -10.64 15.84
N TYR A 100 -38.88 -10.83 14.57
CA TYR A 100 -38.21 -11.83 13.73
C TYR A 100 -36.88 -11.38 13.13
N LEU A 101 -36.51 -10.11 13.42
CA LEU A 101 -35.25 -9.50 13.11
C LEU A 101 -34.87 -9.53 11.67
N GLY A 102 -35.79 -9.68 10.74
CA GLY A 102 -35.51 -9.54 9.31
C GLY A 102 -34.96 -10.77 8.71
N VAL A 103 -34.83 -11.87 9.44
CA VAL A 103 -34.24 -13.09 8.87
C VAL A 103 -35.15 -14.32 8.95
N PHE A 104 -36.10 -14.41 9.86
CA PHE A 104 -36.84 -15.65 10.06
C PHE A 104 -38.28 -15.26 10.11
N ASN A 105 -39.09 -16.32 9.95
CA ASN A 105 -40.56 -16.24 9.85
C ASN A 105 -41.41 -16.79 10.95
N SER A 106 -40.82 -17.62 11.80
CA SER A 106 -41.60 -18.36 12.76
C SER A 106 -40.75 -18.82 13.91
N LYS A 107 -41.38 -19.26 15.01
CA LYS A 107 -40.57 -19.81 16.07
C LYS A 107 -40.49 -21.32 15.90
N ASP A 108 -41.16 -21.83 14.91
CA ASP A 108 -41.13 -23.25 14.65
C ASP A 108 -40.02 -23.43 13.66
N TYR A 109 -39.36 -24.58 13.77
CA TYR A 109 -38.20 -24.94 13.00
C TYR A 109 -38.60 -25.06 11.54
N ASP A 110 -37.85 -24.63 10.55
CA ASP A 110 -38.20 -24.94 9.19
C ASP A 110 -36.91 -25.18 8.43
N LYS A 111 -36.57 -26.36 7.91
CA LYS A 111 -35.31 -26.52 7.19
C LYS A 111 -35.23 -25.86 5.84
N THR A 112 -36.40 -25.40 5.38
CA THR A 112 -36.56 -24.55 4.18
C THR A 112 -35.85 -23.19 4.36
N SER A 113 -35.56 -22.77 5.59
CA SER A 113 -34.98 -21.46 5.87
C SER A 113 -33.54 -21.41 5.47
N GLN A 114 -32.73 -22.40 5.84
CA GLN A 114 -31.31 -22.47 5.53
C GLN A 114 -30.55 -21.20 5.88
N THR A 115 -30.91 -20.62 7.01
CA THR A 115 -30.33 -19.42 7.55
C THR A 115 -29.83 -19.73 8.98
N VAL A 116 -28.55 -19.47 9.39
CA VAL A 116 -28.09 -19.53 10.78
C VAL A 116 -27.74 -18.10 11.17
N ALA A 117 -28.06 -17.61 12.36
CA ALA A 117 -27.84 -16.22 12.62
C ALA A 117 -27.36 -16.10 14.01
N VAL A 118 -26.56 -15.08 14.30
CA VAL A 118 -26.12 -14.80 15.65
C VAL A 118 -26.84 -13.52 15.82
N GLU A 119 -27.70 -13.41 16.82
CA GLU A 119 -28.48 -12.23 17.05
C GLU A 119 -28.08 -11.60 18.37
N PHE A 120 -28.32 -10.32 18.45
CA PHE A 120 -27.97 -9.55 19.59
C PHE A 120 -29.35 -8.96 19.79
N ASP A 121 -30.18 -9.52 20.67
CA ASP A 121 -31.54 -9.11 20.72
C ASP A 121 -31.80 -8.26 21.92
N THR A 122 -32.48 -7.12 21.72
CA THR A 122 -32.83 -6.21 22.77
C THR A 122 -34.27 -6.20 23.26
N PHE A 123 -35.17 -6.95 22.61
CA PHE A 123 -36.57 -7.02 23.00
C PHE A 123 -36.96 -8.48 23.04
N TYR A 124 -37.44 -8.58 24.28
CA TYR A 124 -37.98 -9.80 24.85
C TYR A 124 -39.34 -10.16 24.22
N ASN A 125 -39.50 -11.25 23.48
CA ASN A 125 -40.78 -11.47 22.84
C ASN A 125 -41.15 -12.75 23.53
N THR A 126 -42.17 -12.64 24.39
CA THR A 126 -42.64 -13.70 25.24
C THR A 126 -42.82 -14.98 24.55
N ALA A 127 -43.04 -15.03 23.25
CA ALA A 127 -43.34 -16.30 22.67
C ALA A 127 -42.11 -17.15 22.49
N TRP A 128 -40.91 -16.57 22.37
CA TRP A 128 -39.77 -17.42 22.09
C TRP A 128 -38.43 -17.08 22.78
N ASP A 129 -38.36 -15.95 23.51
CA ASP A 129 -37.10 -15.45 24.04
C ASP A 129 -36.87 -15.92 25.47
N PRO A 130 -35.65 -15.81 26.10
CA PRO A 130 -35.38 -16.22 27.47
C PRO A 130 -36.39 -15.67 28.42
N SER A 131 -37.03 -16.54 29.20
CA SER A 131 -38.12 -16.11 30.05
C SER A 131 -37.75 -15.10 31.09
N ASN A 132 -36.46 -14.86 31.33
CA ASN A 132 -36.05 -13.82 32.30
C ASN A 132 -36.24 -12.42 31.74
N GLY A 133 -36.43 -12.26 30.44
CA GLY A 133 -36.65 -10.96 29.86
C GLY A 133 -35.37 -10.25 29.57
N ASP A 134 -34.24 -10.95 29.51
CA ASP A 134 -32.95 -10.28 29.32
C ASP A 134 -32.66 -10.07 27.88
N ARG A 135 -31.81 -9.07 27.61
CA ARG A 135 -31.30 -8.86 26.29
C ARG A 135 -30.30 -9.99 26.22
N HIS A 136 -29.93 -10.42 25.05
CA HIS A 136 -29.24 -11.67 24.93
C HIS A 136 -28.53 -11.74 23.64
N ILE A 137 -27.53 -12.58 23.55
CA ILE A 137 -26.83 -12.83 22.31
C ILE A 137 -27.34 -14.20 22.05
N GLY A 138 -27.52 -14.67 20.84
CA GLY A 138 -27.98 -16.00 20.63
C GLY A 138 -27.55 -16.48 19.28
N ILE A 139 -27.59 -17.79 19.07
CA ILE A 139 -27.34 -18.47 17.80
C ILE A 139 -28.69 -19.08 17.39
N ASP A 140 -29.08 -19.00 16.12
CA ASP A 140 -30.43 -19.28 15.61
C ASP A 140 -30.24 -20.09 14.38
N VAL A 141 -30.75 -21.29 14.25
CA VAL A 141 -30.57 -21.94 12.98
C VAL A 141 -32.00 -22.24 12.55
N ASN A 142 -32.46 -21.67 11.42
CA ASN A 142 -33.75 -21.92 10.79
C ASN A 142 -34.97 -21.62 11.63
N SER A 143 -34.88 -20.77 12.63
CA SER A 143 -36.01 -20.46 13.47
C SER A 143 -35.64 -19.22 14.28
N ILE A 144 -36.48 -18.44 14.92
CA ILE A 144 -36.01 -17.30 15.69
C ILE A 144 -35.86 -17.68 17.17
N LYS A 145 -36.13 -18.94 17.54
CA LYS A 145 -35.99 -19.38 18.92
C LYS A 145 -34.56 -19.86 18.87
N SER A 146 -33.61 -19.22 19.61
CA SER A 146 -32.16 -19.50 19.57
C SER A 146 -31.86 -20.88 20.12
N ILE A 147 -30.87 -21.57 19.54
CA ILE A 147 -30.52 -22.88 20.06
C ILE A 147 -29.81 -22.68 21.38
N ASN A 148 -29.26 -21.47 21.58
CA ASN A 148 -28.56 -21.13 22.80
C ASN A 148 -28.53 -19.62 22.93
N THR A 149 -28.75 -19.03 24.08
CA THR A 149 -28.67 -17.59 24.19
C THR A 149 -27.65 -17.26 25.28
N LYS A 150 -27.25 -15.99 25.52
CA LYS A 150 -26.46 -15.66 26.69
C LYS A 150 -26.95 -14.28 27.12
N SER A 151 -27.25 -13.95 28.37
CA SER A 151 -27.68 -12.60 28.71
C SER A 151 -26.60 -11.59 28.39
N TRP A 152 -26.92 -10.32 28.05
CA TRP A 152 -25.93 -9.28 27.73
C TRP A 152 -26.46 -7.95 28.19
N ALA A 153 -25.73 -7.09 28.89
CA ALA A 153 -26.23 -5.79 29.30
C ALA A 153 -25.91 -4.79 28.18
N LEU A 154 -26.95 -4.18 27.62
CA LEU A 154 -26.79 -3.24 26.53
C LEU A 154 -26.28 -1.94 27.10
N GLN A 155 -25.18 -1.49 26.49
CA GLN A 155 -24.63 -0.19 26.85
C GLN A 155 -25.07 0.68 25.68
N ASN A 156 -26.00 1.53 25.99
CA ASN A 156 -26.62 2.28 24.96
C ASN A 156 -25.79 3.49 24.56
N GLY A 157 -25.50 3.48 23.28
CA GLY A 157 -24.74 4.53 22.63
C GLY A 157 -23.30 4.16 22.42
N LYS A 158 -22.87 2.95 22.78
CA LYS A 158 -21.45 2.67 22.81
C LYS A 158 -21.13 1.65 21.80
N GLU A 159 -19.95 1.75 21.24
CA GLU A 159 -19.50 0.79 20.28
C GLU A 159 -19.23 -0.49 21.03
N ALA A 160 -19.19 -1.61 20.32
CA ALA A 160 -19.01 -2.92 20.90
C ALA A 160 -18.27 -3.66 19.84
N ASN A 161 -17.29 -4.51 20.04
CA ASN A 161 -16.62 -5.18 18.93
C ASN A 161 -16.96 -6.64 19.02
N VAL A 162 -17.23 -7.31 17.90
CA VAL A 162 -17.72 -8.66 17.90
C VAL A 162 -16.82 -9.51 17.05
N VAL A 163 -16.53 -10.73 17.45
CA VAL A 163 -15.72 -11.67 16.67
C VAL A 163 -16.55 -12.94 16.70
N ILE A 164 -16.78 -13.49 15.53
CA ILE A 164 -17.57 -14.67 15.36
C ILE A 164 -16.61 -15.51 14.55
N ALA A 165 -16.30 -16.70 15.03
CA ALA A 165 -15.37 -17.58 14.33
C ALA A 165 -16.00 -18.96 14.22
N PHE A 166 -15.68 -19.69 13.17
CA PHE A 166 -16.20 -20.99 12.99
C PHE A 166 -14.98 -21.86 12.69
N ASN A 167 -14.91 -23.02 13.31
CA ASN A 167 -13.83 -23.95 13.12
C ASN A 167 -14.52 -25.16 12.54
N ALA A 168 -14.21 -25.43 11.31
CA ALA A 168 -14.80 -26.53 10.61
C ALA A 168 -14.42 -27.86 11.23
N ALA A 169 -13.20 -28.09 11.75
CA ALA A 169 -12.75 -29.40 12.31
C ALA A 169 -13.62 -29.95 13.44
N THR A 170 -14.20 -29.03 14.17
CA THR A 170 -15.05 -29.29 15.28
C THR A 170 -16.43 -28.75 15.09
N ASN A 171 -16.71 -28.07 13.98
CA ASN A 171 -17.97 -27.37 13.79
C ASN A 171 -18.33 -26.50 14.97
N VAL A 172 -17.41 -25.85 15.67
CA VAL A 172 -17.93 -25.05 16.79
C VAL A 172 -18.20 -23.65 16.23
N LEU A 173 -19.11 -22.81 16.74
CA LEU A 173 -19.29 -21.45 16.32
C LEU A 173 -19.16 -20.69 17.66
N THR A 174 -18.28 -19.67 17.63
CA THR A 174 -17.97 -18.86 18.80
C THR A 174 -18.21 -17.38 18.55
N VAL A 175 -18.73 -16.69 19.56
CA VAL A 175 -19.17 -15.34 19.45
C VAL A 175 -18.63 -14.63 20.67
N SER A 176 -17.96 -13.48 20.54
CA SER A 176 -17.71 -12.62 21.69
C SER A 176 -18.03 -11.22 21.25
N LEU A 177 -18.62 -10.54 22.20
CA LEU A 177 -19.05 -9.18 22.12
C LEU A 177 -18.16 -8.58 23.22
N THR A 178 -17.48 -7.48 22.94
CA THR A 178 -16.69 -6.82 23.94
C THR A 178 -16.96 -5.36 23.94
N TYR A 179 -17.39 -4.72 25.01
CA TYR A 179 -17.38 -3.29 25.12
C TYR A 179 -16.04 -2.91 25.76
N PRO A 180 -15.39 -1.77 25.51
CA PRO A 180 -14.14 -1.34 26.17
C PRO A 180 -13.99 -0.99 27.65
N GLU B 1 -13.49 -3.84 28.56
CA GLU B 1 -13.11 -5.00 29.35
C GLU B 1 -14.37 -5.63 30.01
N THR B 2 -15.50 -5.60 29.29
CA THR B 2 -16.75 -6.24 29.71
C THR B 2 -17.00 -7.02 28.43
N SER B 3 -17.06 -8.33 28.60
CA SER B 3 -17.16 -9.34 27.55
C SER B 3 -18.29 -10.34 27.75
N TYR B 4 -18.71 -10.94 26.62
CA TYR B 4 -19.77 -11.96 26.60
C TYR B 4 -19.37 -12.95 25.53
N THR B 5 -19.44 -14.26 25.76
CA THR B 5 -19.03 -15.29 24.79
C THR B 5 -20.08 -16.37 24.86
N LEU B 6 -20.22 -17.19 23.83
CA LEU B 6 -21.23 -18.20 23.75
C LEU B 6 -20.63 -19.15 22.75
N ASN B 7 -20.38 -20.41 22.99
CA ASN B 7 -19.88 -21.28 21.94
C ASN B 7 -20.99 -22.22 21.66
N GLU B 8 -21.04 -22.86 20.51
CA GLU B 8 -22.05 -23.88 20.31
C GLU B 8 -21.61 -24.73 19.16
N VAL B 9 -21.83 -26.04 19.10
CA VAL B 9 -21.41 -26.82 17.94
C VAL B 9 -22.55 -26.64 16.95
N VAL B 10 -22.35 -26.24 15.67
CA VAL B 10 -23.43 -26.06 14.70
C VAL B 10 -22.95 -26.67 13.37
N PRO B 11 -23.24 -27.89 12.91
CA PRO B 11 -22.71 -28.37 11.64
C PRO B 11 -23.39 -27.65 10.48
N LEU B 12 -22.77 -26.54 10.15
CA LEU B 12 -23.25 -25.71 9.08
C LEU B 12 -23.48 -26.46 7.80
N LYS B 13 -22.82 -27.55 7.55
CA LYS B 13 -22.99 -28.34 6.37
C LYS B 13 -24.39 -28.90 6.33
N GLU B 14 -25.16 -29.02 7.41
CA GLU B 14 -26.49 -29.63 7.34
C GLU B 14 -27.68 -28.68 7.14
N PHE B 15 -27.44 -27.47 7.61
CA PHE B 15 -28.44 -26.42 7.58
C PHE B 15 -28.38 -25.44 6.42
N VAL B 16 -27.19 -25.15 5.88
CA VAL B 16 -26.90 -24.12 4.89
C VAL B 16 -26.52 -24.64 3.51
N PRO B 17 -26.86 -24.01 2.40
CA PRO B 17 -26.48 -24.41 1.07
C PRO B 17 -25.01 -24.31 0.88
N GLU B 18 -24.50 -24.91 -0.19
CA GLU B 18 -23.09 -24.88 -0.42
C GLU B 18 -22.47 -23.49 -0.53
N TRP B 19 -23.16 -22.71 -1.39
CA TRP B 19 -22.84 -21.33 -1.60
C TRP B 19 -23.91 -20.56 -0.89
N VAL B 20 -23.52 -19.55 -0.12
CA VAL B 20 -24.32 -18.67 0.71
C VAL B 20 -23.98 -17.18 0.54
N ARG B 21 -24.68 -16.24 1.14
CA ARG B 21 -24.32 -14.87 1.17
C ARG B 21 -24.41 -14.56 2.66
N ILE B 22 -23.71 -13.56 3.19
CA ILE B 22 -23.64 -13.31 4.62
C ILE B 22 -24.05 -11.87 4.86
N GLY B 23 -24.39 -11.36 6.03
CA GLY B 23 -24.70 -9.99 6.08
C GLY B 23 -25.25 -9.65 7.38
N PHE B 24 -25.84 -8.48 7.60
CA PHE B 24 -26.48 -8.07 8.81
C PHE B 24 -27.93 -7.70 8.52
N SER B 25 -28.81 -7.76 9.53
CA SER B 25 -30.13 -7.20 9.39
C SER B 25 -30.39 -6.52 10.71
N ALA B 26 -31.32 -5.58 10.80
CA ALA B 26 -31.72 -5.10 12.11
C ALA B 26 -33.13 -4.62 11.90
N THR B 27 -33.95 -4.47 12.95
CA THR B 27 -35.36 -4.21 12.75
C THR B 27 -35.92 -3.40 13.86
N THR B 28 -37.02 -2.70 13.70
CA THR B 28 -37.70 -2.05 14.81
C THR B 28 -39.17 -2.45 14.72
N GLY B 29 -39.96 -2.16 15.74
CA GLY B 29 -41.33 -2.53 15.68
C GLY B 29 -42.06 -1.41 16.34
N ALA B 30 -42.70 -1.65 17.46
CA ALA B 30 -43.40 -0.57 18.06
C ALA B 30 -42.42 0.13 18.97
N GLU B 31 -41.24 -0.41 19.22
CA GLU B 31 -40.22 0.31 19.94
C GLU B 31 -39.09 0.29 18.98
N PHE B 32 -38.14 1.18 19.24
CA PHE B 32 -37.12 1.45 18.24
C PHE B 32 -35.79 1.82 18.83
N ALA B 33 -34.79 1.73 17.95
CA ALA B 33 -33.46 2.19 18.23
C ALA B 33 -32.68 2.24 16.93
N ALA B 34 -31.64 3.09 16.78
CA ALA B 34 -30.75 3.12 15.61
C ALA B 34 -29.80 1.94 15.72
N HIS B 35 -29.48 1.20 14.67
CA HIS B 35 -28.67 0.01 14.74
C HIS B 35 -27.66 0.28 13.63
N GLU B 36 -26.39 0.65 13.91
CA GLU B 36 -25.41 1.04 12.92
C GLU B 36 -24.17 0.19 13.08
N VAL B 37 -23.53 -0.11 11.98
CA VAL B 37 -22.35 -0.89 11.93
C VAL B 37 -21.22 0.04 11.43
N LEU B 38 -20.11 0.10 12.19
CA LEU B 38 -18.98 0.96 11.93
C LEU B 38 -17.90 0.27 11.11
N SER B 39 -17.74 -1.06 11.03
CA SER B 39 -16.74 -1.68 10.15
C SER B 39 -16.98 -3.18 10.03
N TRP B 40 -16.42 -3.90 9.06
CA TRP B 40 -16.75 -5.28 8.96
C TRP B 40 -15.51 -5.83 8.36
N TYR B 41 -15.08 -6.95 8.93
CA TYR B 41 -13.95 -7.69 8.37
C TYR B 41 -14.37 -9.16 8.34
N PHE B 42 -14.05 -9.90 7.28
CA PHE B 42 -14.37 -11.29 7.15
C PHE B 42 -13.23 -12.01 6.43
N HIS B 43 -12.94 -13.24 6.83
CA HIS B 43 -11.99 -14.06 6.10
C HIS B 43 -12.58 -15.48 6.07
N SER B 44 -12.66 -16.25 4.98
CA SER B 44 -13.04 -17.64 5.09
C SER B 44 -12.14 -18.46 4.22
N GLU B 45 -11.88 -19.72 4.53
CA GLU B 45 -11.03 -20.53 3.70
C GLU B 45 -11.62 -21.94 3.60
N LEU B 46 -11.53 -22.62 2.48
CA LEU B 46 -12.03 -23.96 2.34
C LEU B 46 -10.93 -24.81 1.71
N ALA B 47 -10.42 -25.92 2.28
CA ALA B 47 -9.34 -26.69 1.67
C ALA B 47 -9.65 -27.53 0.41
N THR C 1 -10.13 2.29 5.18
CA THR C 1 -9.33 1.50 4.27
C THR C 1 -10.28 0.43 3.79
N GLU C 2 -9.98 -0.21 2.68
CA GLU C 2 -10.85 -1.24 2.24
C GLU C 2 -9.99 -2.24 1.57
N THR C 3 -10.16 -3.51 1.83
CA THR C 3 -9.46 -4.50 1.04
C THR C 3 -10.50 -5.46 0.54
N THR C 4 -10.16 -6.16 -0.51
CA THR C 4 -10.96 -7.23 -1.03
C THR C 4 -9.84 -8.20 -1.39
N SER C 5 -9.88 -9.51 -1.16
CA SER C 5 -8.78 -10.38 -1.59
C SER C 5 -9.40 -11.72 -1.83
N PHE C 6 -8.96 -12.63 -2.69
CA PHE C 6 -9.61 -13.92 -2.81
C PHE C 6 -8.65 -14.90 -3.45
N SER C 7 -8.69 -16.21 -3.33
CA SER C 7 -7.87 -17.07 -4.13
C SER C 7 -8.66 -18.25 -4.63
N ILE C 8 -8.50 -18.76 -5.85
CA ILE C 8 -9.21 -19.95 -6.21
C ILE C 8 -8.08 -20.73 -6.83
N THR C 9 -7.74 -21.80 -6.13
CA THR C 9 -6.69 -22.73 -6.45
C THR C 9 -7.20 -23.77 -7.39
N LYS C 10 -8.45 -24.18 -7.18
CA LYS C 10 -9.03 -25.25 -8.01
C LYS C 10 -10.41 -24.75 -8.49
N PHE C 11 -10.81 -24.92 -9.75
CA PHE C 11 -12.11 -24.42 -10.17
C PHE C 11 -13.21 -25.47 -10.23
N GLY C 12 -14.16 -25.32 -9.32
CA GLY C 12 -15.29 -26.24 -9.29
C GLY C 12 -16.28 -26.07 -10.48
N PRO C 13 -17.26 -26.98 -10.69
CA PRO C 13 -18.30 -26.86 -11.72
C PRO C 13 -19.21 -25.67 -11.49
N ASP C 14 -19.53 -25.40 -10.25
CA ASP C 14 -20.42 -24.32 -9.97
C ASP C 14 -19.64 -23.26 -9.24
N GLN C 15 -18.88 -22.47 -9.95
CA GLN C 15 -18.01 -21.51 -9.31
C GLN C 15 -18.86 -20.28 -9.19
N GLN C 16 -19.72 -20.27 -8.21
CA GLN C 16 -20.64 -19.18 -8.09
C GLN C 16 -20.12 -17.82 -7.70
N ASN C 17 -18.83 -17.61 -7.49
CA ASN C 17 -18.41 -16.26 -7.22
C ASN C 17 -17.87 -15.70 -8.51
N LEU C 18 -17.94 -16.38 -9.63
CA LEU C 18 -17.48 -15.81 -10.86
C LEU C 18 -18.69 -15.53 -11.67
N ILE C 19 -18.68 -14.46 -12.45
CA ILE C 19 -19.72 -14.10 -13.38
C ILE C 19 -19.12 -14.61 -14.66
N PHE C 20 -19.81 -15.38 -15.48
CA PHE C 20 -19.30 -15.92 -16.73
C PHE C 20 -19.94 -15.21 -17.92
N GLN C 21 -19.27 -15.13 -19.05
CA GLN C 21 -19.84 -14.41 -20.18
C GLN C 21 -19.27 -15.18 -21.30
N GLY C 22 -19.99 -15.20 -22.41
CA GLY C 22 -19.55 -15.93 -23.58
C GLY C 22 -19.52 -17.40 -23.25
N ASP C 23 -18.77 -18.20 -23.95
CA ASP C 23 -18.73 -19.62 -23.64
C ASP C 23 -17.84 -19.89 -22.42
N GLY C 24 -17.47 -18.92 -21.57
CA GLY C 24 -16.61 -19.22 -20.45
C GLY C 24 -17.42 -19.99 -19.41
N TYR C 25 -16.85 -21.04 -18.83
CA TYR C 25 -17.48 -21.82 -17.78
C TYR C 25 -16.39 -22.64 -17.08
N THR C 26 -16.53 -23.45 -16.03
CA THR C 26 -15.43 -24.22 -15.45
C THR C 26 -15.54 -25.69 -15.77
N THR C 27 -14.41 -26.36 -15.89
CA THR C 27 -14.38 -27.75 -16.32
C THR C 27 -13.00 -28.25 -16.01
N LYS C 28 -12.85 -29.57 -15.94
CA LYS C 28 -11.63 -30.31 -15.54
C LYS C 28 -10.77 -29.55 -14.51
N GLU C 29 -11.57 -28.95 -13.62
CA GLU C 29 -11.20 -28.05 -12.57
C GLU C 29 -10.30 -26.86 -12.91
N ARG C 30 -10.34 -26.52 -14.19
CA ARG C 30 -9.83 -25.28 -14.76
C ARG C 30 -10.97 -24.32 -15.12
N LEU C 31 -10.71 -23.03 -15.37
CA LEU C 31 -11.71 -22.08 -15.89
C LEU C 31 -11.46 -22.10 -17.39
N THR C 32 -12.30 -22.67 -18.25
CA THR C 32 -12.03 -22.72 -19.66
C THR C 32 -12.60 -21.43 -20.20
N LEU C 33 -11.77 -20.62 -20.85
CA LEU C 33 -12.28 -19.41 -21.41
C LEU C 33 -12.66 -19.65 -22.88
N THR C 34 -11.91 -20.34 -23.73
CA THR C 34 -12.46 -20.74 -25.02
C THR C 34 -12.08 -22.21 -25.19
N LYS C 35 -12.59 -22.97 -26.15
CA LYS C 35 -11.99 -24.24 -26.44
C LYS C 35 -11.40 -24.00 -27.78
N ALA C 36 -10.75 -24.99 -28.39
CA ALA C 36 -10.10 -24.78 -29.67
C ALA C 36 -11.13 -24.89 -30.78
N VAL C 37 -11.85 -23.78 -30.86
CA VAL C 37 -12.86 -23.66 -31.86
C VAL C 37 -13.00 -22.16 -32.07
N ARG C 38 -12.92 -21.95 -33.38
CA ARG C 38 -12.99 -20.65 -34.03
C ARG C 38 -14.00 -19.71 -33.48
N ASN C 39 -13.63 -18.45 -33.61
CA ASN C 39 -14.54 -17.34 -33.46
C ASN C 39 -15.24 -17.18 -32.16
N THR C 40 -14.80 -17.83 -31.10
CA THR C 40 -15.54 -17.72 -29.86
C THR C 40 -15.07 -16.58 -28.95
N VAL C 41 -15.63 -16.42 -27.75
CA VAL C 41 -15.20 -15.40 -26.82
C VAL C 41 -15.65 -15.88 -25.45
N GLY C 42 -14.79 -15.82 -24.44
CA GLY C 42 -15.17 -16.16 -23.08
C GLY C 42 -14.53 -15.16 -22.14
N ARG C 43 -15.20 -14.68 -21.11
CA ARG C 43 -14.67 -13.76 -20.12
C ARG C 43 -15.17 -14.32 -18.79
N ALA C 44 -14.62 -13.99 -17.64
CA ALA C 44 -15.21 -14.43 -16.41
C ALA C 44 -14.84 -13.31 -15.50
N LEU C 45 -15.65 -12.83 -14.59
CA LEU C 45 -15.31 -11.69 -13.83
C LEU C 45 -15.40 -12.08 -12.39
N TYR C 46 -14.81 -11.40 -11.45
CA TYR C 46 -15.01 -11.77 -10.07
C TYR C 46 -16.28 -11.06 -9.73
N SER C 47 -17.19 -11.73 -8.99
CA SER C 47 -18.45 -11.14 -8.63
C SER C 47 -18.42 -9.87 -7.79
N SER C 48 -17.50 -9.58 -6.87
CA SER C 48 -17.59 -8.34 -6.11
C SER C 48 -17.00 -7.21 -6.94
N PRO C 49 -17.62 -6.04 -7.01
CA PRO C 49 -16.92 -4.85 -7.40
C PRO C 49 -15.87 -4.52 -6.33
N ILE C 50 -14.76 -4.01 -6.90
CA ILE C 50 -13.49 -3.61 -6.25
C ILE C 50 -13.39 -2.07 -6.24
N HIS C 51 -13.10 -1.44 -5.09
CA HIS C 51 -12.96 0.01 -4.96
C HIS C 51 -11.55 0.36 -5.36
N ILE C 52 -11.24 0.82 -6.57
CA ILE C 52 -9.89 1.07 -7.00
C ILE C 52 -9.54 2.54 -6.81
N TRP C 53 -10.46 3.48 -6.59
CA TRP C 53 -10.03 4.77 -6.20
C TRP C 53 -11.17 5.45 -5.58
N ASP C 54 -10.94 6.61 -5.04
CA ASP C 54 -12.00 7.29 -4.36
C ASP C 54 -12.04 8.77 -4.63
N SER C 55 -13.15 9.31 -5.10
CA SER C 55 -13.22 10.71 -5.36
C SER C 55 -13.24 11.53 -4.11
N LYS C 56 -13.82 11.24 -2.93
CA LYS C 56 -13.68 12.27 -1.90
C LYS C 56 -12.26 12.42 -1.32
N THR C 57 -11.39 11.40 -1.40
CA THR C 57 -10.10 11.47 -0.74
C THR C 57 -8.95 11.62 -1.74
N GLY C 58 -9.19 11.10 -2.93
CA GLY C 58 -8.19 11.14 -3.97
C GLY C 58 -7.30 9.93 -3.84
N ASN C 59 -7.40 9.06 -2.81
CA ASN C 59 -6.45 7.93 -2.70
C ASN C 59 -6.75 6.97 -3.77
N VAL C 60 -5.77 6.26 -4.23
CA VAL C 60 -5.95 5.24 -5.23
C VAL C 60 -5.42 4.02 -4.51
N ALA C 61 -5.43 2.85 -5.13
CA ALA C 61 -5.21 1.59 -4.47
C ALA C 61 -4.10 0.85 -5.18
N ASN C 62 -3.52 -0.11 -4.48
CA ASN C 62 -2.46 -0.99 -5.00
C ASN C 62 -3.20 -2.31 -5.15
N PHE C 63 -2.73 -3.18 -6.02
CA PHE C 63 -3.35 -4.48 -6.10
C PHE C 63 -2.31 -5.37 -6.62
N VAL C 64 -2.50 -6.66 -6.41
CA VAL C 64 -1.59 -7.69 -6.89
C VAL C 64 -2.51 -8.77 -7.38
N THR C 65 -2.21 -9.46 -8.47
CA THR C 65 -3.00 -10.61 -8.81
C THR C 65 -2.03 -11.54 -9.51
N SER C 66 -2.24 -12.82 -9.38
CA SER C 66 -1.37 -13.78 -10.00
C SER C 66 -2.22 -14.92 -10.49
N PHE C 67 -1.87 -15.56 -11.58
CA PHE C 67 -2.66 -16.65 -12.02
C PHE C 67 -1.81 -17.51 -12.93
N THR C 68 -2.16 -18.77 -13.09
CA THR C 68 -1.38 -19.63 -13.95
C THR C 68 -2.30 -19.92 -15.10
N PHE C 69 -1.89 -19.98 -16.37
CA PHE C 69 -2.82 -20.27 -17.44
C PHE C 69 -2.10 -21.10 -18.47
N VAL C 70 -2.85 -21.75 -19.38
CA VAL C 70 -2.30 -22.53 -20.49
C VAL C 70 -3.02 -22.01 -21.73
N ILE C 71 -2.29 -22.02 -22.84
CA ILE C 71 -2.81 -21.77 -24.17
C ILE C 71 -2.47 -23.10 -24.82
N ASP C 72 -3.44 -23.58 -25.61
CA ASP C 72 -3.43 -24.92 -26.15
C ASP C 72 -3.79 -24.88 -27.60
N ALA C 73 -2.79 -24.72 -28.41
CA ALA C 73 -3.00 -24.66 -29.83
C ALA C 73 -2.79 -26.09 -30.32
N PRO C 74 -2.95 -26.34 -31.62
CA PRO C 74 -2.51 -27.60 -32.25
C PRO C 74 -1.07 -27.65 -32.78
N ASN C 75 -0.58 -26.49 -33.23
CA ASN C 75 0.77 -26.27 -33.74
C ASN C 75 1.11 -24.86 -33.23
N SER C 76 2.38 -24.45 -33.06
CA SER C 76 2.65 -23.06 -32.64
C SER C 76 2.51 -22.07 -33.80
N TYR C 77 2.02 -22.52 -34.96
CA TYR C 77 1.83 -21.56 -36.04
C TYR C 77 0.39 -21.22 -36.12
N ASN C 78 -0.54 -22.17 -35.85
CA ASN C 78 -1.97 -21.85 -35.92
C ASN C 78 -2.48 -21.51 -34.55
N VAL C 79 -2.18 -20.32 -34.04
CA VAL C 79 -2.78 -19.96 -32.77
C VAL C 79 -3.24 -18.51 -32.86
N ALA C 80 -4.38 -18.20 -32.23
CA ALA C 80 -4.98 -16.88 -32.14
C ALA C 80 -6.01 -16.98 -31.00
N ASP C 81 -6.61 -15.95 -30.38
CA ASP C 81 -6.12 -14.59 -30.49
C ASP C 81 -5.28 -14.15 -29.31
N GLY C 82 -5.56 -14.68 -28.15
CA GLY C 82 -4.84 -14.29 -26.96
C GLY C 82 -5.76 -14.42 -25.76
N PHE C 83 -5.44 -13.72 -24.71
CA PHE C 83 -6.09 -13.93 -23.45
C PHE C 83 -5.99 -12.60 -22.71
N THR C 84 -6.66 -12.18 -21.65
CA THR C 84 -6.52 -10.83 -21.06
C THR C 84 -6.75 -10.90 -19.55
N PHE C 85 -6.22 -10.01 -18.71
CA PHE C 85 -6.64 -9.80 -17.32
C PHE C 85 -7.18 -8.37 -17.50
N PHE C 86 -8.34 -7.87 -17.05
CA PHE C 86 -8.76 -6.51 -17.30
C PHE C 86 -9.60 -5.92 -16.18
N ILE C 87 -9.56 -4.61 -16.05
CA ILE C 87 -10.25 -3.82 -15.05
C ILE C 87 -11.17 -3.00 -15.90
N ALA C 88 -12.43 -2.92 -15.52
CA ALA C 88 -13.41 -2.32 -16.37
C ALA C 88 -14.63 -1.86 -15.56
N PRO C 89 -15.62 -1.16 -16.09
CA PRO C 89 -16.68 -0.66 -15.23
C PRO C 89 -17.48 -1.85 -14.71
N VAL C 90 -18.21 -1.70 -13.62
CA VAL C 90 -18.93 -2.78 -12.94
C VAL C 90 -19.78 -3.66 -13.82
N ASP C 91 -20.28 -2.98 -14.81
CA ASP C 91 -21.23 -3.50 -15.74
C ASP C 91 -20.61 -3.93 -17.04
N THR C 92 -19.32 -4.21 -17.19
CA THR C 92 -18.80 -4.64 -18.48
C THR C 92 -19.47 -5.92 -19.03
N LYS C 93 -19.53 -5.95 -20.36
CA LYS C 93 -20.15 -6.98 -21.15
C LYS C 93 -19.22 -7.27 -22.31
N PRO C 94 -19.25 -8.45 -22.98
CA PRO C 94 -18.34 -8.82 -24.05
C PRO C 94 -18.29 -7.76 -25.12
N GLN C 95 -17.12 -7.41 -25.64
CA GLN C 95 -17.01 -6.44 -26.74
C GLN C 95 -16.58 -7.14 -28.04
N THR C 96 -15.84 -6.60 -29.01
CA THR C 96 -15.58 -7.36 -30.21
C THR C 96 -14.65 -8.56 -30.02
N GLY C 97 -14.99 -9.68 -30.63
CA GLY C 97 -14.21 -10.91 -30.53
C GLY C 97 -13.01 -10.78 -31.42
N GLY C 98 -12.44 -11.90 -31.81
CA GLY C 98 -11.22 -11.85 -32.63
C GLY C 98 -10.06 -11.07 -32.01
N GLY C 99 -9.35 -10.29 -32.81
CA GLY C 99 -8.14 -9.59 -32.39
C GLY C 99 -8.25 -8.52 -31.36
N TYR C 100 -9.48 -8.27 -30.94
CA TYR C 100 -9.77 -7.26 -29.95
C TYR C 100 -9.96 -7.88 -28.59
N LEU C 101 -9.84 -9.19 -28.55
CA LEU C 101 -9.92 -9.95 -27.33
C LEU C 101 -11.18 -9.73 -26.46
N GLY C 102 -12.36 -9.35 -27.02
CA GLY C 102 -13.60 -9.23 -26.27
C GLY C 102 -13.62 -8.14 -25.20
N VAL C 103 -12.54 -7.37 -25.17
CA VAL C 103 -12.31 -6.30 -24.22
C VAL C 103 -12.33 -4.91 -24.90
N PHE C 104 -11.95 -4.75 -26.20
CA PHE C 104 -11.99 -3.44 -26.88
C PHE C 104 -12.67 -3.44 -28.25
N ASN C 105 -13.09 -2.25 -28.55
CA ASN C 105 -13.77 -2.03 -29.79
C ASN C 105 -12.99 -1.28 -30.85
N SER C 106 -12.34 -0.14 -30.67
CA SER C 106 -11.63 0.38 -31.82
C SER C 106 -10.15 0.49 -31.50
N LYS C 107 -9.25 0.58 -32.50
CA LYS C 107 -7.85 0.83 -32.20
C LYS C 107 -7.74 2.28 -31.77
N ASP C 108 -8.79 3.05 -32.07
CA ASP C 108 -8.90 4.48 -31.79
C ASP C 108 -9.16 4.67 -30.32
N TYR C 109 -8.36 5.52 -29.65
CA TYR C 109 -8.52 5.74 -28.21
C TYR C 109 -9.92 6.26 -27.90
N ASP C 110 -10.56 5.55 -26.95
CA ASP C 110 -11.95 5.79 -26.59
C ASP C 110 -12.13 6.00 -25.13
N LYS C 111 -12.28 7.27 -24.78
CA LYS C 111 -12.48 7.62 -23.40
C LYS C 111 -13.68 6.98 -22.79
N THR C 112 -14.65 6.44 -23.53
CA THR C 112 -15.78 5.81 -22.86
C THR C 112 -15.62 4.33 -22.65
N SER C 113 -14.62 3.66 -23.21
CA SER C 113 -14.35 2.28 -22.85
C SER C 113 -13.93 2.26 -21.37
N GLN C 114 -13.05 3.14 -20.85
CA GLN C 114 -12.52 3.06 -19.48
C GLN C 114 -12.25 1.68 -18.90
N THR C 115 -11.65 0.84 -19.77
CA THR C 115 -11.13 -0.46 -19.38
C THR C 115 -9.63 -0.49 -19.79
N VAL C 116 -8.74 -0.83 -18.81
CA VAL C 116 -7.33 -1.03 -19.11
C VAL C 116 -7.18 -2.56 -19.00
N ALA C 117 -6.30 -3.16 -19.76
CA ALA C 117 -6.23 -4.58 -19.87
C ALA C 117 -4.81 -5.00 -20.13
N VAL C 118 -4.31 -6.12 -19.60
CA VAL C 118 -2.98 -6.62 -19.88
C VAL C 118 -3.15 -7.75 -20.89
N GLU C 119 -2.63 -7.76 -22.11
CA GLU C 119 -2.98 -8.79 -23.05
C GLU C 119 -1.88 -9.74 -23.25
N PHE C 120 -2.11 -10.97 -23.61
CA PHE C 120 -1.07 -11.94 -23.86
C PHE C 120 -1.64 -12.33 -25.19
N ASP C 121 -1.08 -11.71 -26.22
CA ASP C 121 -1.54 -11.73 -27.60
C ASP C 121 -0.74 -12.64 -28.52
N THR C 122 -1.40 -13.50 -29.31
CA THR C 122 -0.74 -14.57 -30.06
C THR C 122 -0.84 -14.46 -31.56
N PHE C 123 -1.56 -13.45 -31.98
CA PHE C 123 -1.83 -13.32 -33.37
C PHE C 123 -1.71 -11.85 -33.65
N TYR C 124 -1.02 -11.72 -34.76
CA TYR C 124 -0.65 -10.43 -35.28
C TYR C 124 -1.75 -9.83 -36.15
N ASN C 125 -2.33 -8.68 -35.81
CA ASN C 125 -3.44 -8.10 -36.55
C ASN C 125 -2.81 -6.84 -37.10
N THR C 126 -2.34 -6.88 -38.35
CA THR C 126 -1.42 -5.88 -38.86
C THR C 126 -1.75 -4.43 -38.58
N ALA C 127 -3.02 -4.05 -38.53
CA ALA C 127 -3.38 -2.69 -38.23
C ALA C 127 -2.99 -2.11 -36.89
N TRP C 128 -2.82 -2.83 -35.77
CA TRP C 128 -2.43 -2.17 -34.50
C TRP C 128 -1.29 -2.82 -33.68
N ASP C 129 -0.65 -3.86 -34.19
CA ASP C 129 0.30 -4.62 -33.42
C ASP C 129 1.81 -4.42 -33.76
N PRO C 130 2.85 -4.63 -32.89
CA PRO C 130 4.28 -4.59 -33.24
C PRO C 130 4.63 -5.23 -34.57
N SER C 131 5.34 -4.42 -35.33
CA SER C 131 5.61 -4.69 -36.71
C SER C 131 6.43 -5.90 -36.97
N ASN C 132 7.09 -6.44 -35.95
CA ASN C 132 7.93 -7.64 -36.13
C ASN C 132 7.08 -8.91 -36.14
N GLY C 133 5.79 -8.68 -35.87
CA GLY C 133 4.78 -9.72 -35.95
C GLY C 133 4.93 -10.81 -34.92
N ASP C 134 5.50 -10.43 -33.80
CA ASP C 134 5.70 -11.41 -32.75
C ASP C 134 4.47 -11.51 -31.83
N ARG C 135 4.43 -12.60 -31.06
CA ARG C 135 3.45 -12.71 -29.99
C ARG C 135 3.93 -11.78 -28.86
N HIS C 136 3.14 -11.35 -27.89
CA HIS C 136 3.66 -10.42 -26.90
C HIS C 136 2.66 -10.12 -25.87
N ILE C 137 3.24 -9.57 -24.82
CA ILE C 137 2.57 -9.02 -23.67
C ILE C 137 2.42 -7.53 -23.93
N GLY C 138 1.51 -6.73 -23.40
CA GLY C 138 1.42 -5.32 -23.72
C GLY C 138 0.48 -4.66 -22.75
N ILE C 139 0.47 -3.37 -22.47
CA ILE C 139 -0.56 -2.80 -21.62
C ILE C 139 -1.51 -1.99 -22.48
N ASP C 140 -2.85 -2.16 -22.41
CA ASP C 140 -3.79 -1.47 -23.25
C ASP C 140 -4.64 -0.59 -22.42
N VAL C 141 -4.82 0.73 -22.65
CA VAL C 141 -5.82 1.46 -21.88
C VAL C 141 -6.78 1.96 -22.96
N ASN C 142 -8.09 1.73 -22.86
CA ASN C 142 -9.04 2.22 -23.83
C ASN C 142 -8.73 1.98 -25.30
N SER C 143 -7.89 1.07 -25.81
CA SER C 143 -7.73 0.82 -27.24
C SER C 143 -7.13 -0.55 -27.32
N ILE C 144 -7.24 -1.28 -28.40
CA ILE C 144 -6.57 -2.56 -28.56
C ILE C 144 -5.11 -2.36 -28.98
N LYS C 145 -4.74 -1.09 -29.13
CA LYS C 145 -3.42 -0.64 -29.55
C LYS C 145 -2.63 -0.54 -28.26
N SER C 146 -1.71 -1.45 -27.93
CA SER C 146 -1.10 -1.39 -26.61
C SER C 146 -0.25 -0.14 -26.52
N ILE C 147 -0.25 0.50 -25.36
CA ILE C 147 0.65 1.63 -25.16
C ILE C 147 2.09 1.14 -25.06
N ASN C 148 2.34 -0.15 -24.79
CA ASN C 148 3.69 -0.66 -24.67
C ASN C 148 3.70 -2.16 -24.81
N THR C 149 4.74 -2.80 -25.28
CA THR C 149 4.75 -4.21 -25.60
C THR C 149 6.05 -4.93 -25.15
N LYS C 150 6.13 -6.27 -25.07
CA LYS C 150 7.43 -6.91 -24.97
C LYS C 150 7.25 -8.24 -25.69
N SER C 151 8.08 -8.53 -26.71
CA SER C 151 8.06 -9.82 -27.42
C SER C 151 7.88 -11.02 -26.48
N TRP C 152 7.14 -12.09 -26.84
CA TRP C 152 6.96 -13.24 -25.97
C TRP C 152 6.83 -14.47 -26.86
N ALA C 153 7.59 -15.51 -26.51
CA ALA C 153 7.56 -16.76 -27.25
C ALA C 153 6.70 -17.74 -26.44
N LEU C 154 5.48 -17.83 -26.93
CA LEU C 154 4.46 -18.71 -26.41
C LEU C 154 5.03 -20.11 -26.32
N GLN C 155 4.90 -20.79 -25.18
CA GLN C 155 5.21 -22.22 -25.11
C GLN C 155 3.86 -22.88 -24.99
N ASN C 156 3.56 -23.22 -26.21
CA ASN C 156 2.30 -23.85 -26.53
C ASN C 156 2.06 -25.06 -25.64
N GLY C 157 0.92 -25.03 -24.96
CA GLY C 157 0.55 -26.11 -24.09
C GLY C 157 1.33 -26.11 -22.79
N LYS C 158 2.08 -25.09 -22.45
CA LYS C 158 2.79 -25.10 -21.19
C LYS C 158 2.11 -24.18 -20.20
N GLU C 159 2.01 -24.47 -18.89
CA GLU C 159 1.40 -23.50 -17.97
C GLU C 159 2.40 -22.40 -17.77
N ALA C 160 1.94 -21.19 -17.57
CA ALA C 160 2.81 -20.05 -17.39
C ALA C 160 2.30 -19.45 -16.11
N ASN C 161 3.16 -18.85 -15.28
CA ASN C 161 2.69 -18.20 -14.07
C ASN C 161 2.77 -16.71 -14.29
N VAL C 162 1.78 -15.87 -14.01
CA VAL C 162 1.95 -14.45 -14.19
C VAL C 162 1.38 -13.72 -13.03
N VAL C 163 2.10 -12.68 -12.65
CA VAL C 163 1.80 -11.78 -11.53
C VAL C 163 1.71 -10.43 -12.25
N ILE C 164 0.89 -9.54 -11.77
CA ILE C 164 0.64 -8.26 -12.39
C ILE C 164 0.48 -7.43 -11.14
N ALA C 165 1.08 -6.27 -10.95
CA ALA C 165 0.84 -5.62 -9.69
C ALA C 165 0.65 -4.16 -9.94
N PHE C 166 0.17 -3.34 -9.05
CA PHE C 166 0.06 -1.95 -9.38
C PHE C 166 0.24 -1.30 -8.05
N ASN C 167 1.02 -0.22 -8.12
CA ASN C 167 1.31 0.59 -6.97
C ASN C 167 0.86 2.02 -7.15
N ALA C 168 -0.07 2.44 -6.31
CA ALA C 168 -0.64 3.75 -6.47
C ALA C 168 0.31 4.91 -6.26
N ALA C 169 1.38 4.76 -5.45
CA ALA C 169 2.31 5.84 -5.13
C ALA C 169 3.05 6.23 -6.39
N THR C 170 3.49 5.23 -7.14
CA THR C 170 4.22 5.57 -8.28
C THR C 170 3.35 5.37 -9.49
N ASN C 171 2.06 5.09 -9.41
CA ASN C 171 1.25 4.71 -10.58
C ASN C 171 1.90 3.69 -11.53
N VAL C 172 2.82 2.80 -11.08
CA VAL C 172 3.44 1.83 -11.99
C VAL C 172 2.71 0.51 -11.94
N LEU C 173 2.51 -0.07 -13.11
CA LEU C 173 1.82 -1.31 -13.32
C LEU C 173 2.92 -2.23 -13.77
N THR C 174 3.16 -3.37 -13.12
CA THR C 174 4.23 -4.30 -13.49
C THR C 174 3.62 -5.64 -13.90
N VAL C 175 4.15 -6.29 -14.93
CA VAL C 175 3.63 -7.51 -15.48
C VAL C 175 4.78 -8.48 -15.48
N SER C 176 4.64 -9.68 -14.92
CA SER C 176 5.66 -10.72 -14.97
C SER C 176 5.00 -11.93 -15.57
N LEU C 177 5.64 -12.69 -16.41
CA LEU C 177 5.08 -13.92 -16.93
C LEU C 177 6.32 -14.78 -16.90
N THR C 178 6.28 -15.98 -16.34
CA THR C 178 7.47 -16.80 -16.43
C THR C 178 7.07 -18.25 -16.61
N TYR C 179 7.53 -18.83 -17.70
CA TYR C 179 7.39 -20.25 -18.01
C TYR C 179 8.41 -20.95 -17.12
N PRO C 180 8.09 -21.88 -16.24
CA PRO C 180 9.03 -22.59 -15.39
C PRO C 180 9.74 -23.75 -16.12
N THR D 2 11.96 -19.19 -17.63
CA THR D 2 12.11 -18.15 -18.63
C THR D 2 11.22 -16.99 -18.19
N SER D 3 11.55 -15.72 -18.24
CA SER D 3 10.59 -14.74 -17.74
C SER D 3 10.49 -13.63 -18.72
N TYR D 4 9.56 -12.70 -18.57
CA TYR D 4 9.35 -11.61 -19.53
C TYR D 4 8.80 -10.60 -18.60
N THR D 5 9.21 -9.35 -18.55
CA THR D 5 8.58 -8.44 -17.60
C THR D 5 8.37 -7.14 -18.30
N LEU D 6 7.41 -6.35 -17.86
CA LEU D 6 7.06 -5.12 -18.51
C LEU D 6 6.60 -4.27 -17.34
N ASN D 7 6.89 -2.97 -17.36
CA ASN D 7 6.44 -2.08 -16.30
C ASN D 7 6.00 -0.82 -17.01
N GLU D 8 5.10 -0.01 -16.47
CA GLU D 8 4.74 1.22 -17.14
C GLU D 8 4.03 2.14 -16.17
N VAL D 9 3.92 3.43 -16.45
CA VAL D 9 3.13 4.24 -15.53
C VAL D 9 1.74 4.37 -16.17
N VAL D 10 0.66 4.17 -15.42
CA VAL D 10 -0.63 4.23 -16.04
C VAL D 10 -1.50 4.67 -14.90
N PRO D 11 -1.76 5.98 -14.77
CA PRO D 11 -2.51 6.51 -13.64
C PRO D 11 -3.97 6.09 -13.76
N LEU D 12 -4.23 4.93 -13.19
CA LEU D 12 -5.53 4.32 -13.23
C LEU D 12 -6.64 5.28 -12.85
N LYS D 13 -6.43 6.27 -12.01
CA LYS D 13 -7.49 7.18 -11.68
C LYS D 13 -7.94 8.00 -12.90
N GLU D 14 -7.26 7.93 -14.05
CA GLU D 14 -7.64 8.70 -15.20
C GLU D 14 -8.50 7.94 -16.13
N PHE D 15 -8.32 6.63 -16.04
CA PHE D 15 -8.95 5.77 -16.96
C PHE D 15 -10.10 5.00 -16.40
N VAL D 16 -10.15 4.55 -15.13
CA VAL D 16 -11.23 3.65 -14.80
C VAL D 16 -12.17 4.28 -13.81
N PRO D 17 -13.44 3.87 -13.66
CA PRO D 17 -14.38 4.39 -12.66
C PRO D 17 -13.93 4.12 -11.24
N GLU D 18 -14.60 4.67 -10.23
CA GLU D 18 -14.30 4.41 -8.84
C GLU D 18 -14.46 2.93 -8.50
N TRP D 19 -15.53 2.28 -8.96
CA TRP D 19 -15.80 0.87 -8.69
C TRP D 19 -15.54 0.12 -9.96
N VAL D 20 -15.00 -1.09 -9.95
CA VAL D 20 -14.71 -1.78 -11.19
C VAL D 20 -14.92 -3.28 -10.98
N ARG D 21 -14.82 -4.04 -12.04
CA ARG D 21 -14.87 -5.47 -11.89
C ARG D 21 -13.65 -5.91 -12.68
N ILE D 22 -12.92 -6.87 -12.16
CA ILE D 22 -11.66 -7.36 -12.73
C ILE D 22 -12.03 -8.67 -13.35
N GLY D 23 -11.37 -9.16 -14.40
CA GLY D 23 -11.73 -10.46 -14.92
C GLY D 23 -10.79 -10.91 -16.02
N PHE D 24 -11.02 -11.99 -16.74
CA PHE D 24 -10.11 -12.46 -17.76
C PHE D 24 -10.91 -12.48 -19.03
N SER D 25 -10.29 -12.52 -20.20
CA SER D 25 -11.02 -12.51 -21.46
C SER D 25 -10.35 -13.40 -22.48
N ALA D 26 -10.97 -13.97 -23.50
CA ALA D 26 -10.24 -14.80 -24.45
C ALA D 26 -11.14 -14.98 -25.64
N THR D 27 -10.56 -15.29 -26.77
CA THR D 27 -11.29 -15.19 -28.02
C THR D 27 -10.53 -15.94 -29.10
N THR D 28 -11.22 -16.40 -30.12
CA THR D 28 -10.55 -16.93 -31.28
C THR D 28 -11.16 -16.19 -32.47
N GLY D 29 -10.72 -16.46 -33.68
CA GLY D 29 -11.20 -15.77 -34.85
C GLY D 29 -10.93 -16.79 -35.92
N ALA D 30 -10.42 -16.42 -37.07
CA ALA D 30 -10.20 -17.42 -38.08
C ALA D 30 -9.26 -18.52 -37.59
N GLU D 31 -8.38 -18.28 -36.59
CA GLU D 31 -7.46 -19.30 -36.03
C GLU D 31 -7.89 -19.50 -34.58
N PHE D 32 -7.48 -20.56 -33.87
CA PHE D 32 -8.02 -20.87 -32.53
C PHE D 32 -6.97 -21.50 -31.63
N ALA D 33 -7.17 -21.47 -30.31
CA ALA D 33 -6.32 -22.13 -29.33
C ALA D 33 -7.19 -22.21 -28.07
N ALA D 34 -7.08 -23.22 -27.21
CA ALA D 34 -7.90 -23.24 -26.00
C ALA D 34 -7.25 -22.28 -25.03
N HIS D 35 -7.96 -21.56 -24.17
CA HIS D 35 -7.31 -20.64 -23.24
C HIS D 35 -7.93 -21.03 -21.94
N GLU D 36 -7.13 -21.38 -20.93
CA GLU D 36 -7.64 -21.87 -19.67
C GLU D 36 -6.86 -21.32 -18.48
N VAL D 37 -7.44 -20.96 -17.35
CA VAL D 37 -6.74 -20.46 -16.20
C VAL D 37 -6.75 -21.63 -15.23
N LEU D 38 -5.70 -21.85 -14.45
CA LEU D 38 -5.55 -22.92 -13.47
C LEU D 38 -5.56 -22.43 -12.00
N SER D 39 -5.37 -21.16 -11.69
CA SER D 39 -5.43 -20.65 -10.31
C SER D 39 -5.51 -19.13 -10.38
N TRP D 40 -5.83 -18.34 -9.39
CA TRP D 40 -5.95 -16.93 -9.55
C TRP D 40 -5.92 -16.39 -8.11
N TYR D 41 -5.05 -15.43 -7.73
CA TYR D 41 -4.98 -14.87 -6.39
C TYR D 41 -5.14 -13.37 -6.55
N PHE D 42 -5.87 -12.62 -5.74
CA PHE D 42 -6.00 -11.23 -5.99
C PHE D 42 -6.20 -10.60 -4.68
N HIS D 43 -5.61 -9.41 -4.50
CA HIS D 43 -5.65 -8.59 -3.28
C HIS D 43 -5.64 -7.11 -3.65
N SER D 44 -6.47 -6.23 -3.09
CA SER D 44 -6.30 -4.83 -3.32
C SER D 44 -6.63 -4.18 -2.02
N GLU D 45 -6.26 -2.95 -1.87
CA GLU D 45 -6.33 -2.24 -0.63
C GLU D 45 -6.40 -0.80 -1.03
N LEU D 46 -7.06 0.05 -0.28
CA LEU D 46 -7.31 1.41 -0.69
C LEU D 46 -7.45 2.05 0.65
N ALA D 47 -6.52 2.96 0.97
CA ALA D 47 -6.58 3.59 2.27
C ALA D 47 -7.68 4.60 2.30
N GLY D 48 -8.13 5.07 3.48
CA GLY D 48 -9.20 6.05 3.59
C GLY D 48 -8.70 7.27 4.36
N THR E 1 23.89 5.34 -10.69
CA THR E 1 22.51 5.25 -10.34
C THR E 1 22.40 5.34 -8.85
N GLU E 2 21.95 6.47 -8.38
CA GLU E 2 21.71 6.67 -6.98
C GLU E 2 20.46 7.46 -6.95
N THR E 3 19.54 7.41 -6.02
CA THR E 3 18.25 8.04 -6.22
C THR E 3 17.84 8.44 -4.82
N THR E 4 17.15 9.53 -4.66
CA THR E 4 16.55 9.87 -3.37
C THR E 4 15.15 10.38 -3.71
N SER E 5 14.13 10.07 -2.92
CA SER E 5 12.78 10.51 -3.21
C SER E 5 12.06 10.47 -1.89
N PHE E 6 11.03 11.28 -1.77
CA PHE E 6 10.20 11.30 -0.62
C PHE E 6 9.01 12.16 -1.03
N SER E 7 7.87 12.10 -0.36
CA SER E 7 6.70 12.91 -0.63
C SER E 7 6.03 13.07 0.70
N ILE E 8 5.47 14.21 1.06
CA ILE E 8 4.84 14.36 2.36
C ILE E 8 3.63 15.09 1.85
N THR E 9 2.54 14.38 1.66
CA THR E 9 1.33 14.99 1.11
C THR E 9 0.68 15.89 2.13
N LYS E 10 1.09 15.80 3.40
CA LYS E 10 0.48 16.54 4.51
C LYS E 10 1.47 16.49 5.68
N PHE E 11 1.53 17.46 6.59
CA PHE E 11 2.62 17.43 7.56
C PHE E 11 2.21 17.06 8.97
N GLY E 12 2.82 15.99 9.54
CA GLY E 12 2.51 15.56 10.89
C GLY E 12 3.09 16.46 11.98
N PRO E 13 2.70 16.47 13.24
CA PRO E 13 3.37 17.26 14.27
C PRO E 13 4.75 16.78 14.76
N ASP E 14 5.29 15.55 14.59
CA ASP E 14 6.70 15.34 14.87
C ASP E 14 7.12 14.73 13.55
N GLN E 15 7.67 15.59 12.70
CA GLN E 15 8.03 15.21 11.35
C GLN E 15 9.52 14.96 11.38
N GLN E 16 9.96 13.86 12.00
CA GLN E 16 11.37 13.58 12.25
C GLN E 16 12.26 13.45 11.05
N ASN E 17 11.80 13.38 9.82
CA ASN E 17 12.72 13.31 8.70
C ASN E 17 12.97 14.73 8.16
N LEU E 18 12.62 15.79 8.86
CA LEU E 18 12.90 17.12 8.39
C LEU E 18 13.77 17.83 9.45
N ILE E 19 14.76 18.69 9.18
CA ILE E 19 15.55 19.41 10.18
C ILE E 19 14.97 20.80 10.23
N PHE E 20 14.64 21.27 11.41
CA PHE E 20 14.05 22.58 11.62
C PHE E 20 15.00 23.68 11.96
N GLN E 21 14.93 24.90 11.45
CA GLN E 21 15.87 25.92 11.91
C GLN E 21 15.07 27.19 12.08
N GLY E 22 15.32 27.96 13.11
CA GLY E 22 14.64 29.21 13.29
C GLY E 22 13.26 28.87 13.80
N ASP E 23 12.21 29.54 13.36
CA ASP E 23 10.90 29.29 13.93
C ASP E 23 10.09 28.27 13.19
N GLY E 24 10.72 27.56 12.26
CA GLY E 24 10.02 26.62 11.42
C GLY E 24 9.52 25.47 12.26
N TYR E 25 8.22 25.28 12.35
CA TYR E 25 7.70 24.13 13.02
C TYR E 25 6.69 23.55 12.12
N THR E 26 6.35 22.32 12.41
CA THR E 26 5.30 21.67 11.71
C THR E 26 4.12 21.85 12.64
N THR E 27 2.95 22.04 12.08
CA THR E 27 1.81 22.38 12.89
C THR E 27 0.64 21.49 12.50
N LYS E 28 0.75 20.18 12.14
CA LYS E 28 -0.40 19.34 11.83
C LYS E 28 -0.98 19.92 10.54
N GLU E 29 -0.98 19.07 9.53
CA GLU E 29 -1.33 19.45 8.16
C GLU E 29 -0.21 20.40 7.71
N ARG E 30 0.31 21.44 8.40
CA ARG E 30 1.28 22.36 7.79
C ARG E 30 2.69 22.63 8.32
N LEU E 31 3.68 22.85 7.46
CA LEU E 31 5.03 23.25 7.82
C LEU E 31 4.99 24.76 7.96
N THR E 32 4.90 25.43 9.11
CA THR E 32 5.00 26.90 9.10
C THR E 32 6.44 27.40 9.25
N LEU E 33 6.90 28.09 8.19
CA LEU E 33 8.22 28.65 8.15
C LEU E 33 8.26 29.90 8.98
N THR E 34 7.15 30.62 9.03
CA THR E 34 7.09 31.90 9.72
C THR E 34 5.62 32.14 10.09
N LYS E 35 5.41 32.84 11.20
CA LYS E 35 4.11 33.35 11.60
C LYS E 35 4.07 34.81 11.13
N ALA E 36 2.94 35.53 11.11
CA ALA E 36 2.93 36.94 10.70
C ALA E 36 3.50 37.86 11.78
N VAL E 37 4.78 37.67 12.05
CA VAL E 37 5.45 38.33 13.16
C VAL E 37 6.73 38.94 12.59
N ARG E 38 7.00 40.11 13.12
CA ARG E 38 8.08 40.90 12.60
C ARG E 38 9.43 40.27 12.93
N ASN E 39 10.34 40.36 11.97
CA ASN E 39 11.71 39.90 12.12
C ASN E 39 12.14 38.44 12.40
N THR E 40 11.61 37.42 11.73
CA THR E 40 12.01 36.02 11.92
C THR E 40 12.47 35.34 10.63
N VAL E 41 12.99 34.10 10.78
CA VAL E 41 13.56 33.20 9.78
C VAL E 41 13.03 31.87 10.28
N GLY E 42 12.84 31.03 9.31
CA GLY E 42 12.40 29.69 9.57
C GLY E 42 12.92 28.97 8.38
N ARG E 43 13.45 27.78 8.60
CA ARG E 43 13.97 26.99 7.53
C ARG E 43 13.65 25.57 7.92
N ALA E 44 13.67 24.66 6.98
CA ALA E 44 13.33 23.27 7.24
C ALA E 44 14.08 22.55 6.19
N LEU E 45 14.79 21.44 6.44
CA LEU E 45 15.52 20.79 5.35
C LEU E 45 15.29 19.30 5.32
N TYR E 46 15.28 18.64 4.21
CA TYR E 46 15.11 17.20 4.27
C TYR E 46 16.35 16.64 5.01
N SER E 47 16.19 15.72 5.93
CA SER E 47 17.30 15.14 6.66
C SER E 47 18.29 14.40 5.80
N SER E 48 18.06 13.61 4.79
CA SER E 48 19.16 12.99 4.11
C SER E 48 19.94 13.90 3.13
N PRO E 49 21.28 14.03 3.13
CA PRO E 49 22.10 14.62 2.08
C PRO E 49 21.69 14.06 0.75
N ILE E 50 21.71 14.79 -0.34
CA ILE E 50 21.38 14.13 -1.56
C ILE E 50 22.61 14.39 -2.38
N HIS E 51 22.93 13.48 -3.24
CA HIS E 51 24.13 13.56 -4.01
C HIS E 51 23.64 14.19 -5.29
N ILE E 52 24.09 15.40 -5.54
CA ILE E 52 23.61 16.12 -6.69
C ILE E 52 24.60 15.99 -7.81
N TRP E 53 25.89 15.85 -7.72
CA TRP E 53 26.69 15.64 -8.93
C TRP E 53 27.86 14.81 -8.46
N ASP E 54 28.84 14.47 -9.30
CA ASP E 54 29.88 13.57 -8.87
C ASP E 54 31.19 13.84 -9.55
N SER E 55 32.21 14.07 -8.71
CA SER E 55 33.59 14.38 -9.09
C SER E 55 34.25 13.31 -9.90
N LYS E 56 34.19 12.06 -9.44
CA LYS E 56 34.79 11.00 -10.23
C LYS E 56 34.22 10.88 -11.63
N THR E 57 33.05 11.46 -11.94
CA THR E 57 32.44 11.25 -13.26
C THR E 57 32.03 12.53 -13.97
N GLY E 58 31.81 13.63 -13.27
CA GLY E 58 31.27 14.84 -13.89
C GLY E 58 29.77 14.78 -14.03
N ASN E 59 29.17 13.60 -13.94
CA ASN E 59 27.74 13.44 -13.92
C ASN E 59 27.08 14.30 -12.87
N VAL E 60 26.02 15.00 -13.30
CA VAL E 60 25.20 15.77 -12.37
C VAL E 60 23.80 15.19 -12.60
N ALA E 61 23.09 15.24 -11.50
CA ALA E 61 21.82 14.62 -11.40
C ALA E 61 20.71 15.41 -12.04
N ASN E 62 19.63 14.67 -12.27
CA ASN E 62 18.38 15.20 -12.73
C ASN E 62 17.50 15.22 -11.50
N PHE E 63 16.68 16.23 -11.21
CA PHE E 63 15.80 16.27 -10.07
C PHE E 63 14.57 17.13 -10.44
N VAL E 64 13.50 16.86 -9.67
CA VAL E 64 12.23 17.51 -9.83
C VAL E 64 11.64 17.53 -8.46
N THR E 65 11.09 18.64 -8.00
CA THR E 65 10.46 18.71 -6.72
C THR E 65 9.18 19.53 -6.89
N SER E 66 8.15 19.32 -6.08
CA SER E 66 7.03 20.19 -6.10
C SER E 66 6.55 20.35 -4.72
N PHE E 67 5.91 21.47 -4.55
CA PHE E 67 5.30 21.82 -3.31
C PHE E 67 4.20 22.85 -3.59
N THR E 68 3.39 23.13 -2.58
CA THR E 68 2.35 24.11 -2.64
C THR E 68 2.60 24.83 -1.35
N PHE E 69 2.38 26.13 -1.31
CA PHE E 69 2.70 26.97 -0.16
C PHE E 69 1.61 27.99 -0.04
N VAL E 70 1.50 28.76 1.04
CA VAL E 70 0.48 29.80 1.18
C VAL E 70 1.23 31.00 1.71
N ILE E 71 1.05 32.24 1.24
CA ILE E 71 1.68 33.35 1.93
C ILE E 71 0.48 34.04 2.55
N ASP E 72 0.61 34.62 3.74
CA ASP E 72 -0.55 35.17 4.39
C ASP E 72 -0.21 36.45 5.05
N ALA E 73 -0.18 37.40 4.16
CA ALA E 73 0.04 38.75 4.61
C ALA E 73 -1.29 39.18 5.22
N PRO E 74 -1.37 40.03 6.21
CA PRO E 74 -2.64 40.53 6.68
C PRO E 74 -2.96 41.74 5.81
N ASN E 75 -2.29 41.92 4.66
CA ASN E 75 -2.36 43.16 3.93
C ASN E 75 -1.65 42.89 2.60
N SER E 76 -1.92 43.57 1.50
CA SER E 76 -1.31 43.18 0.24
C SER E 76 -0.40 44.24 -0.31
N TYR E 77 -0.20 45.26 0.53
CA TYR E 77 0.69 46.39 0.32
C TYR E 77 1.92 46.16 1.22
N ASN E 78 1.67 45.63 2.43
CA ASN E 78 2.71 45.35 3.41
C ASN E 78 2.94 43.87 3.53
N VAL E 79 3.50 43.32 2.49
CA VAL E 79 3.87 41.90 2.43
C VAL E 79 5.41 41.93 2.48
N ALA E 80 6.11 41.16 3.30
CA ALA E 80 7.57 40.98 3.18
C ALA E 80 7.84 39.63 3.88
N ASP E 81 8.82 38.77 3.60
CA ASP E 81 9.90 39.14 2.71
C ASP E 81 10.22 38.21 1.58
N GLY E 82 9.69 36.99 1.77
CA GLY E 82 9.88 35.98 0.74
C GLY E 82 9.94 34.58 1.32
N PHE E 83 10.34 33.64 0.51
CA PHE E 83 10.25 32.22 0.82
C PHE E 83 11.21 31.62 -0.20
N THR E 84 12.00 30.57 0.02
CA THR E 84 12.90 30.11 -1.00
C THR E 84 12.98 28.62 -0.93
N PHE E 85 13.34 27.96 -1.98
CA PHE E 85 13.71 26.54 -1.99
C PHE E 85 15.16 26.76 -2.35
N PHE E 86 16.03 26.08 -1.61
CA PHE E 86 17.46 26.14 -1.83
C PHE E 86 18.10 24.76 -1.70
N ILE E 87 19.27 24.65 -2.30
CA ILE E 87 20.18 23.51 -2.34
C ILE E 87 21.34 24.21 -1.67
N ALA E 88 21.85 23.68 -0.56
CA ALA E 88 22.92 24.33 0.16
C ALA E 88 23.89 23.25 0.65
N PRO E 89 25.08 23.52 1.16
CA PRO E 89 25.92 22.54 1.82
C PRO E 89 25.16 21.83 2.94
N VAL E 90 25.48 20.56 3.07
CA VAL E 90 24.92 19.64 4.04
C VAL E 90 24.74 20.22 5.41
N ASP E 91 25.70 20.99 5.92
CA ASP E 91 25.62 21.56 7.27
C ASP E 91 25.22 23.02 7.31
N THR E 92 24.47 23.48 6.29
CA THR E 92 23.95 24.84 6.15
C THR E 92 23.18 25.38 7.35
N LYS E 93 23.43 26.63 7.73
CA LYS E 93 22.72 27.26 8.82
C LYS E 93 22.12 28.61 8.38
N PRO E 94 21.02 29.16 8.95
CA PRO E 94 20.39 30.41 8.54
C PRO E 94 21.39 31.51 8.38
N GLN E 95 21.46 32.02 7.18
CA GLN E 95 22.28 33.18 6.88
C GLN E 95 21.50 34.44 7.22
N THR E 96 21.70 35.63 6.61
CA THR E 96 21.03 36.86 7.02
C THR E 96 19.48 36.84 6.88
N GLY E 97 18.78 37.41 7.86
CA GLY E 97 17.35 37.55 7.74
C GLY E 97 16.98 38.66 6.76
N GLY E 98 15.84 39.29 7.03
CA GLY E 98 15.25 40.37 6.22
C GLY E 98 15.02 40.00 4.75
N GLY E 99 15.38 40.94 3.89
CA GLY E 99 15.33 40.70 2.48
C GLY E 99 16.32 39.68 1.99
N TYR E 100 17.16 39.11 2.88
CA TYR E 100 18.19 38.13 2.52
C TYR E 100 17.69 36.73 2.52
N LEU E 101 16.47 36.62 3.01
CA LEU E 101 15.68 35.42 2.94
C LEU E 101 16.30 34.26 3.70
N GLY E 102 17.14 34.47 4.75
CA GLY E 102 17.69 33.42 5.61
C GLY E 102 18.63 32.48 4.86
N VAL E 103 19.08 32.91 3.70
CA VAL E 103 19.86 32.07 2.83
C VAL E 103 21.09 32.73 2.22
N PHE E 104 21.20 34.06 2.27
CA PHE E 104 22.30 34.78 1.64
C PHE E 104 22.79 35.87 2.56
N ASN E 105 24.01 36.39 2.36
CA ASN E 105 24.61 37.46 3.20
C ASN E 105 24.85 38.81 2.56
N SER E 106 25.12 38.84 1.24
CA SER E 106 25.33 40.08 0.52
C SER E 106 24.65 40.09 -0.86
N LYS E 107 24.67 41.26 -1.49
CA LYS E 107 24.26 41.33 -2.86
C LYS E 107 25.36 41.02 -3.85
N ASP E 108 26.59 40.70 -3.43
CA ASP E 108 27.72 40.50 -4.33
C ASP E 108 27.91 39.03 -4.44
N TYR E 109 28.52 38.60 -5.52
CA TYR E 109 28.69 37.20 -5.72
C TYR E 109 29.69 36.61 -4.75
N ASP E 110 29.26 35.89 -3.72
CA ASP E 110 30.10 35.27 -2.75
C ASP E 110 30.35 33.81 -3.07
N LYS E 111 31.36 33.39 -3.82
CA LYS E 111 31.54 31.98 -4.06
C LYS E 111 31.86 31.11 -2.85
N THR E 112 31.67 31.54 -1.62
CA THR E 112 31.88 30.56 -0.58
C THR E 112 30.53 29.89 -0.31
N SER E 113 29.49 30.69 -0.59
CA SER E 113 28.10 30.33 -0.37
C SER E 113 27.66 28.95 -0.84
N GLN E 114 27.99 28.52 -2.04
CA GLN E 114 27.50 27.29 -2.64
C GLN E 114 26.01 26.98 -2.37
N THR E 115 25.20 28.01 -2.61
CA THR E 115 23.77 28.02 -2.41
C THR E 115 23.12 28.66 -3.61
N VAL E 116 22.26 27.90 -4.31
CA VAL E 116 21.41 28.44 -5.36
C VAL E 116 20.02 28.41 -4.73
N ALA E 117 19.27 29.50 -4.87
CA ALA E 117 17.94 29.60 -4.28
C ALA E 117 16.88 29.93 -5.35
N VAL E 118 15.58 29.62 -5.20
CA VAL E 118 14.54 29.95 -6.17
C VAL E 118 13.53 30.65 -5.30
N GLU E 119 13.55 31.95 -5.42
CA GLU E 119 12.82 32.75 -4.50
C GLU E 119 11.48 33.20 -4.94
N PHE E 120 10.64 33.44 -3.96
CA PHE E 120 9.34 34.00 -4.16
C PHE E 120 9.38 35.21 -3.26
N ASP E 121 9.86 36.27 -3.86
CA ASP E 121 10.09 37.50 -3.18
C ASP E 121 8.91 38.48 -3.24
N THR E 122 8.40 38.79 -2.05
CA THR E 122 7.28 39.65 -1.89
C THR E 122 7.60 41.04 -1.33
N PHE E 123 8.81 41.62 -1.55
CA PHE E 123 9.21 42.94 -0.99
C PHE E 123 10.43 43.43 -1.72
N TYR E 124 10.27 44.71 -2.11
CA TYR E 124 11.23 45.51 -2.85
C TYR E 124 12.33 46.10 -1.97
N ASN E 125 13.48 45.52 -2.19
CA ASN E 125 14.62 45.99 -1.46
C ASN E 125 15.32 46.66 -2.66
N THR E 126 15.27 47.99 -2.66
CA THR E 126 15.74 48.82 -3.79
C THR E 126 17.20 48.54 -4.12
N ALA E 127 17.96 48.12 -3.10
CA ALA E 127 19.34 47.70 -3.25
C ALA E 127 19.62 46.50 -4.17
N TRP E 128 18.73 45.53 -4.45
CA TRP E 128 19.12 44.48 -5.40
C TRP E 128 17.94 43.96 -6.18
N ASP E 129 16.73 44.29 -5.75
CA ASP E 129 15.55 43.82 -6.46
C ASP E 129 15.18 44.56 -7.77
N PRO E 130 14.35 44.00 -8.66
CA PRO E 130 14.05 44.58 -9.95
C PRO E 130 13.40 45.91 -9.71
N SER E 131 13.89 46.88 -10.49
CA SER E 131 13.54 48.31 -10.39
C SER E 131 12.08 48.67 -10.47
N ASN E 132 11.40 47.87 -11.27
CA ASN E 132 9.97 47.99 -11.46
C ASN E 132 9.11 47.81 -10.22
N GLY E 133 9.71 47.26 -9.15
CA GLY E 133 9.05 47.18 -7.83
C GLY E 133 8.15 45.96 -7.63
N ASP E 134 8.02 45.17 -8.69
CA ASP E 134 7.19 43.99 -8.64
C ASP E 134 7.67 42.94 -7.72
N ARG E 135 6.72 42.26 -7.11
CA ARG E 135 6.93 41.03 -6.37
C ARG E 135 7.38 40.08 -7.46
N HIS E 136 8.11 39.01 -7.19
CA HIS E 136 8.69 38.26 -8.29
C HIS E 136 9.25 36.95 -7.84
N ILE E 137 9.67 36.17 -8.79
CA ILE E 137 10.18 34.85 -8.62
C ILE E 137 11.54 35.04 -9.21
N GLY E 138 12.60 34.58 -8.51
CA GLY E 138 13.96 34.62 -9.06
C GLY E 138 14.77 33.33 -8.86
N ILE E 139 15.74 33.09 -9.72
CA ILE E 139 16.76 32.06 -9.53
C ILE E 139 17.99 32.83 -8.96
N ASP E 140 18.39 32.62 -7.70
CA ASP E 140 19.54 33.20 -7.03
C ASP E 140 20.77 32.28 -7.07
N VAL E 141 21.95 32.63 -7.60
CA VAL E 141 23.09 31.77 -7.46
C VAL E 141 24.33 32.46 -6.87
N ASN E 142 24.49 32.20 -5.55
CA ASN E 142 25.52 32.66 -4.63
C ASN E 142 25.31 34.10 -4.27
N SER E 143 24.17 34.74 -4.53
CA SER E 143 23.91 36.11 -4.07
C SER E 143 22.39 36.39 -3.88
N ILE E 144 21.93 37.41 -3.15
CA ILE E 144 20.52 37.72 -3.08
C ILE E 144 19.97 38.47 -4.34
N LYS E 145 20.81 38.82 -5.30
CA LYS E 145 20.41 39.50 -6.52
C LYS E 145 20.13 38.35 -7.44
N SER E 146 18.95 38.15 -7.97
CA SER E 146 18.69 36.96 -8.75
C SER E 146 19.46 36.99 -10.05
N ILE E 147 19.58 35.92 -10.82
CA ILE E 147 20.09 36.04 -12.16
C ILE E 147 19.02 36.12 -13.26
N ASN E 148 17.76 35.83 -12.92
CA ASN E 148 16.60 35.89 -13.82
C ASN E 148 15.39 36.12 -12.91
N THR E 149 14.41 36.96 -13.21
CA THR E 149 13.22 37.04 -12.39
C THR E 149 12.00 37.05 -13.34
N LYS E 150 10.78 36.88 -12.80
CA LYS E 150 9.50 36.89 -13.50
C LYS E 150 8.59 37.54 -12.48
N SER E 151 7.91 38.59 -12.89
CA SER E 151 6.95 39.22 -12.03
C SER E 151 5.79 38.28 -11.81
N TRP E 152 5.29 38.38 -10.59
CA TRP E 152 4.28 37.49 -10.13
C TRP E 152 3.36 38.35 -9.31
N ALA E 153 2.08 38.10 -9.44
CA ALA E 153 1.14 38.91 -8.67
C ALA E 153 0.89 37.83 -7.64
N LEU E 154 1.09 38.21 -6.41
CA LEU E 154 0.99 37.32 -5.30
C LEU E 154 -0.49 37.28 -4.98
N GLN E 155 -1.08 36.12 -4.79
CA GLN E 155 -2.44 36.13 -4.37
C GLN E 155 -2.45 35.69 -2.92
N ASN E 156 -2.68 36.74 -2.15
CA ASN E 156 -2.62 36.61 -0.72
C ASN E 156 -3.60 35.58 -0.18
N GLY E 157 -3.12 34.65 0.62
CA GLY E 157 -3.98 33.64 1.18
C GLY E 157 -4.18 32.49 0.20
N LYS E 158 -3.74 32.39 -1.04
CA LYS E 158 -4.17 31.27 -1.83
C LYS E 158 -3.07 30.33 -2.04
N GLU E 159 -3.43 29.10 -2.11
CA GLU E 159 -2.50 28.03 -2.31
C GLU E 159 -2.02 28.21 -3.72
N ALA E 160 -0.71 28.09 -3.91
CA ALA E 160 -0.05 28.23 -5.20
C ALA E 160 0.68 26.94 -5.48
N ASN E 161 0.82 26.31 -6.61
CA ASN E 161 1.49 25.03 -6.62
C ASN E 161 2.70 25.23 -7.42
N VAL E 162 3.85 24.65 -7.10
CA VAL E 162 5.08 25.04 -7.75
C VAL E 162 5.74 23.77 -8.19
N VAL E 163 6.36 23.69 -9.33
CA VAL E 163 7.15 22.54 -9.74
C VAL E 163 8.54 23.10 -10.06
N ILE E 164 9.67 22.63 -9.50
CA ILE E 164 10.97 23.09 -9.99
C ILE E 164 11.60 21.86 -10.55
N ALA E 165 12.37 21.93 -11.62
CA ALA E 165 12.96 20.77 -12.25
C ALA E 165 14.29 21.13 -12.84
N PHE E 166 15.20 20.15 -12.90
CA PHE E 166 16.52 20.40 -13.42
C PHE E 166 16.77 19.25 -14.38
N ASN E 167 17.40 19.54 -15.50
CA ASN E 167 17.59 18.57 -16.52
C ASN E 167 19.07 18.67 -16.63
N ALA E 168 19.73 17.70 -16.11
CA ALA E 168 21.14 17.70 -16.04
C ALA E 168 21.73 17.72 -17.42
N ALA E 169 21.01 17.27 -18.47
CA ALA E 169 21.67 17.19 -19.77
C ALA E 169 21.82 18.53 -20.49
N THR E 170 21.07 19.58 -20.15
CA THR E 170 21.21 20.88 -20.84
C THR E 170 21.51 22.01 -19.88
N ASN E 171 21.43 21.66 -18.60
CA ASN E 171 21.66 22.45 -17.42
C ASN E 171 20.65 23.51 -17.13
N VAL E 172 19.40 23.26 -17.59
CA VAL E 172 18.39 24.28 -17.42
C VAL E 172 17.56 24.06 -16.17
N LEU E 173 17.38 25.06 -15.34
CA LEU E 173 16.55 24.94 -14.18
C LEU E 173 15.26 25.57 -14.66
N THR E 174 14.10 24.91 -14.47
CA THR E 174 12.74 25.31 -14.84
C THR E 174 11.94 25.50 -13.57
N VAL E 175 11.13 26.56 -13.47
CA VAL E 175 10.29 26.75 -12.31
C VAL E 175 8.89 27.22 -12.73
N SER E 176 7.75 26.58 -12.35
CA SER E 176 6.45 27.17 -12.62
C SER E 176 5.59 27.15 -11.40
N LEU E 177 5.08 28.33 -11.06
CA LEU E 177 4.20 28.66 -9.96
C LEU E 177 2.90 28.73 -10.74
N THR E 178 1.81 28.25 -10.17
CA THR E 178 0.48 28.20 -10.74
C THR E 178 -0.58 28.46 -9.68
N TYR E 179 -1.66 29.11 -10.02
CA TYR E 179 -2.81 29.26 -9.11
C TYR E 179 -3.93 28.55 -9.86
N PRO E 180 -4.97 27.94 -9.29
CA PRO E 180 -6.15 27.41 -10.02
C PRO E 180 -7.14 28.44 -10.63
N GLU F 1 -6.25 29.23 -15.29
CA GLU F 1 -5.28 28.99 -14.24
C GLU F 1 -4.32 30.13 -14.35
N THR F 2 -3.79 30.76 -13.32
CA THR F 2 -2.79 31.82 -13.53
C THR F 2 -1.40 31.21 -13.30
N SER F 3 -0.55 31.12 -14.31
CA SER F 3 0.71 30.45 -14.15
C SER F 3 1.86 31.41 -14.41
N TYR F 4 3.10 31.10 -13.94
CA TYR F 4 4.33 31.85 -14.23
C TYR F 4 5.34 30.76 -14.30
N THR F 5 6.27 31.05 -15.17
CA THR F 5 7.31 30.13 -15.51
C THR F 5 8.59 30.94 -15.70
N LEU F 6 9.71 30.40 -15.26
CA LEU F 6 10.94 31.06 -15.45
C LEU F 6 11.90 29.94 -15.78
N ASN F 7 12.79 30.17 -16.73
CA ASN F 7 13.78 29.19 -17.13
C ASN F 7 15.18 29.80 -17.23
N GLU F 8 16.24 29.18 -16.67
CA GLU F 8 17.62 29.68 -16.73
C GLU F 8 18.64 28.55 -16.90
N VAL F 9 19.84 28.68 -17.50
CA VAL F 9 20.83 27.61 -17.50
C VAL F 9 21.73 27.79 -16.27
N VAL F 10 21.65 26.93 -15.25
CA VAL F 10 22.45 27.06 -14.04
C VAL F 10 23.37 25.85 -14.12
N PRO F 11 24.69 25.84 -14.40
CA PRO F 11 25.52 24.63 -14.37
C PRO F 11 25.90 24.36 -12.92
N LEU F 12 24.96 23.83 -12.17
CA LEU F 12 25.06 23.54 -10.73
C LEU F 12 26.41 23.08 -10.14
N LYS F 13 27.15 22.22 -10.87
CA LYS F 13 28.43 21.70 -10.47
C LYS F 13 29.32 22.84 -10.16
N GLU F 14 29.32 23.92 -10.92
CA GLU F 14 30.25 24.97 -10.62
C GLU F 14 29.85 25.72 -9.38
N PHE F 15 28.79 25.43 -8.65
CA PHE F 15 28.33 26.32 -7.62
C PHE F 15 27.95 25.59 -6.36
N VAL F 16 27.88 24.26 -6.34
CA VAL F 16 27.25 23.59 -5.22
C VAL F 16 28.07 22.35 -4.94
N PRO F 17 28.21 21.94 -3.68
CA PRO F 17 29.02 20.78 -3.34
C PRO F 17 28.48 19.50 -3.95
N GLU F 18 29.25 18.42 -3.95
CA GLU F 18 28.76 17.13 -4.40
C GLU F 18 27.52 16.62 -3.66
N TRP F 19 27.50 16.90 -2.39
CA TRP F 19 26.44 16.45 -1.51
C TRP F 19 25.90 17.75 -0.92
N VAL F 20 24.59 17.84 -0.77
CA VAL F 20 23.95 19.07 -0.33
C VAL F 20 22.77 18.65 0.50
N ARG F 21 22.04 19.62 1.00
CA ARG F 21 20.76 19.35 1.62
C ARG F 21 19.78 20.36 1.02
N ILE F 22 18.47 20.01 0.90
CA ILE F 22 17.49 20.86 0.22
C ILE F 22 16.47 21.28 1.20
N GLY F 23 15.83 22.43 1.05
CA GLY F 23 14.90 22.85 2.03
C GLY F 23 14.20 24.09 1.59
N PHE F 24 13.49 24.73 2.49
CA PHE F 24 12.75 25.93 2.19
C PHE F 24 13.24 26.94 3.18
N SER F 25 13.05 28.22 2.88
CA SER F 25 13.36 29.25 3.85
C SER F 25 12.31 30.33 3.87
N ALA F 26 12.06 31.04 4.96
CA ALA F 26 11.17 32.18 4.89
C ALA F 26 11.59 33.19 5.95
N THR F 27 11.46 34.48 5.69
CA THR F 27 11.85 35.57 6.60
C THR F 27 10.87 36.71 6.61
N THR F 28 10.78 37.42 7.71
CA THR F 28 10.02 38.65 7.76
C THR F 28 11.08 39.67 8.15
N GLY F 29 10.98 40.90 7.66
CA GLY F 29 11.91 41.95 8.04
C GLY F 29 11.07 42.93 8.83
N ALA F 30 10.99 44.20 8.45
CA ALA F 30 10.09 45.11 9.16
C ALA F 30 8.59 44.84 8.80
N GLU F 31 8.32 44.15 7.66
CA GLU F 31 6.96 43.78 7.29
C GLU F 31 6.97 42.28 7.29
N PHE F 32 5.78 41.73 7.40
CA PHE F 32 5.61 40.32 7.68
C PHE F 32 4.41 39.71 7.01
N ALA F 33 4.41 38.39 7.05
CA ALA F 33 3.37 37.60 6.45
C ALA F 33 3.69 36.20 6.91
N ALA F 34 2.68 35.40 7.21
CA ALA F 34 2.93 34.02 7.58
C ALA F 34 3.30 33.24 6.34
N HIS F 35 4.10 32.16 6.32
CA HIS F 35 4.53 31.51 5.07
C HIS F 35 4.45 30.04 5.37
N GLU F 36 3.66 29.19 4.70
CA GLU F 36 3.53 27.78 5.10
C GLU F 36 3.71 26.88 3.92
N VAL F 37 4.15 25.65 4.08
CA VAL F 37 4.23 24.73 2.96
C VAL F 37 3.23 23.63 3.36
N LEU F 38 2.39 23.17 2.41
CA LEU F 38 1.29 22.25 2.65
C LEU F 38 1.73 20.90 2.23
N SER F 39 2.45 20.75 1.15
CA SER F 39 2.94 19.44 0.77
C SER F 39 4.23 19.57 -0.02
N TRP F 40 5.06 18.50 -0.16
CA TRP F 40 6.33 18.56 -0.87
C TRP F 40 6.67 17.17 -1.30
N TYR F 41 7.34 17.09 -2.41
CA TYR F 41 7.64 15.84 -3.00
C TYR F 41 8.99 16.06 -3.71
N PHE F 42 9.99 15.20 -3.79
CA PHE F 42 11.25 15.50 -4.46
C PHE F 42 11.71 14.22 -5.10
N HIS F 43 12.53 14.29 -6.11
CA HIS F 43 13.06 13.09 -6.65
C HIS F 43 14.32 13.54 -7.39
N SER F 44 15.42 12.81 -7.31
CA SER F 44 16.66 13.15 -8.00
C SER F 44 17.29 11.87 -8.39
N GLU F 45 17.85 11.75 -9.56
CA GLU F 45 18.48 10.53 -9.93
C GLU F 45 19.77 10.95 -10.58
N LEU F 46 20.87 10.27 -10.21
CA LEU F 46 22.26 10.47 -10.65
C LEU F 46 22.84 9.21 -11.29
N ALA F 47 23.13 9.32 -12.58
CA ALA F 47 23.66 8.21 -13.33
C ALA F 47 25.05 7.89 -12.83
N THR G 1 -0.28 11.04 3.01
CA THR G 1 0.60 10.00 2.53
C THR G 1 2.02 10.46 2.76
N GLU G 2 2.95 9.58 3.16
CA GLU G 2 4.36 9.90 3.34
C GLU G 2 5.10 8.85 2.61
N THR G 3 6.03 9.04 1.69
CA THR G 3 6.76 7.89 1.19
C THR G 3 8.27 8.21 1.34
N THR G 4 9.17 7.22 1.26
CA THR G 4 10.62 7.42 1.29
C THR G 4 11.18 6.34 0.36
N SER G 5 12.14 6.68 -0.48
CA SER G 5 12.71 5.73 -1.42
C SER G 5 14.13 6.16 -1.69
N PHE G 6 15.02 5.25 -2.02
CA PHE G 6 16.37 5.59 -2.40
C PHE G 6 16.99 4.39 -3.08
N SER G 7 18.03 4.47 -3.92
CA SER G 7 18.78 3.30 -4.38
C SER G 7 20.25 3.70 -4.42
N ILE G 8 21.15 2.73 -4.41
CA ILE G 8 22.58 2.95 -4.35
C ILE G 8 23.07 1.66 -4.95
N THR G 9 23.31 1.71 -6.22
CA THR G 9 23.82 0.62 -7.05
C THR G 9 25.34 0.40 -6.92
N LYS G 10 25.97 1.36 -6.29
CA LYS G 10 27.40 1.45 -6.23
C LYS G 10 27.60 2.34 -5.03
N PHE G 11 28.37 1.93 -4.01
CA PHE G 11 28.59 2.83 -2.88
C PHE G 11 29.82 3.53 -3.28
N GLY G 12 29.99 4.73 -2.79
CA GLY G 12 31.18 5.51 -3.15
C GLY G 12 32.03 5.84 -1.93
N PRO G 13 33.23 6.48 -2.05
CA PRO G 13 34.14 6.81 -0.95
C PRO G 13 33.59 7.60 0.26
N ASP G 14 32.56 8.40 -0.04
CA ASP G 14 32.02 9.29 0.95
C ASP G 14 30.50 9.31 0.73
N GLN G 15 29.94 8.16 1.05
CA GLN G 15 28.54 7.89 0.93
C GLN G 15 27.89 8.65 2.06
N GLN G 16 27.56 9.90 1.84
CA GLN G 16 27.09 10.72 2.94
C GLN G 16 25.67 10.52 3.39
N ASN G 17 24.87 9.76 2.63
CA ASN G 17 23.52 9.50 3.11
C ASN G 17 23.43 8.25 4.00
N LEU G 18 24.50 7.48 4.24
CA LEU G 18 24.49 6.40 5.20
C LEU G 18 25.14 6.86 6.49
N ILE G 19 24.71 6.35 7.63
CA ILE G 19 25.35 6.62 8.92
C ILE G 19 26.20 5.39 9.14
N PHE G 20 27.44 5.45 9.60
CA PHE G 20 28.27 4.24 9.66
C PHE G 20 28.59 3.96 11.11
N GLN G 21 28.60 2.71 11.53
CA GLN G 21 28.82 2.43 12.94
C GLN G 21 29.83 1.32 13.05
N GLY G 22 30.68 1.17 14.09
CA GLY G 22 31.59 0.04 14.19
C GLY G 22 32.55 0.11 13.06
N ASP G 23 32.75 -0.99 12.45
CA ASP G 23 33.58 -1.07 11.28
C ASP G 23 33.11 -0.66 9.91
N GLY G 24 31.90 -0.14 9.77
CA GLY G 24 31.38 0.01 8.44
C GLY G 24 32.05 1.12 7.71
N TYR G 25 32.42 0.91 6.47
CA TYR G 25 32.99 1.98 5.69
C TYR G 25 32.88 1.45 4.30
N THR G 26 33.00 2.32 3.34
CA THR G 26 32.93 1.89 1.98
C THR G 26 34.31 1.69 1.41
N THR G 27 34.54 0.61 0.70
CA THR G 27 35.77 0.38 -0.02
C THR G 27 35.37 -0.29 -1.32
N LYS G 28 36.21 -0.30 -2.37
CA LYS G 28 35.96 -0.91 -3.70
C LYS G 28 34.58 -1.18 -4.27
N GLU G 29 33.93 -0.07 -3.92
CA GLU G 29 32.60 0.32 -4.25
C GLU G 29 31.45 -0.59 -3.81
N ARG G 30 31.72 -1.14 -2.63
CA ARG G 30 30.80 -1.93 -1.83
C ARG G 30 30.77 -1.33 -0.45
N LEU G 31 29.74 -1.67 0.32
CA LEU G 31 29.59 -1.29 1.72
C LEU G 31 30.30 -2.47 2.39
N THR G 32 31.35 -2.35 3.19
CA THR G 32 31.94 -3.51 3.80
C THR G 32 31.50 -3.45 5.23
N LEU G 33 30.70 -4.42 5.68
CA LEU G 33 30.34 -4.35 7.06
C LEU G 33 31.40 -4.95 7.98
N THR G 34 32.17 -5.96 7.59
CA THR G 34 33.19 -6.56 8.45
C THR G 34 34.21 -7.12 7.51
N LYS G 35 35.47 -7.10 7.92
CA LYS G 35 36.55 -7.76 7.18
C LYS G 35 36.66 -9.19 7.68
N ALA G 36 37.50 -10.08 7.14
CA ALA G 36 37.66 -11.44 7.68
C ALA G 36 38.58 -11.40 8.89
N VAL G 37 38.12 -11.00 10.09
CA VAL G 37 38.99 -10.83 11.25
C VAL G 37 38.18 -11.17 12.48
N ARG G 38 38.71 -11.58 13.62
CA ARG G 38 37.88 -12.01 14.73
C ARG G 38 37.38 -10.78 15.43
N ASN G 39 36.41 -11.08 16.24
CA ASN G 39 35.57 -10.11 16.90
C ASN G 39 35.43 -8.66 16.43
N THR G 40 34.57 -8.41 15.41
CA THR G 40 34.21 -7.13 14.85
C THR G 40 32.72 -7.07 14.67
N VAL G 41 32.16 -5.86 14.74
CA VAL G 41 30.79 -5.62 14.36
C VAL G 41 30.84 -4.44 13.35
N GLY G 42 29.95 -4.37 12.36
CA GLY G 42 29.92 -3.32 11.38
C GLY G 42 28.47 -3.06 11.15
N ARG G 43 28.00 -1.83 11.15
CA ARG G 43 26.59 -1.51 10.93
C ARG G 43 26.46 -0.29 10.02
N ALA G 44 25.40 -0.12 9.21
CA ALA G 44 25.21 1.01 8.28
C ALA G 44 23.72 1.30 8.32
N LEU G 45 23.22 2.49 8.66
CA LEU G 45 21.83 2.85 8.68
C LEU G 45 21.60 3.84 7.53
N TYR G 46 20.42 4.08 6.98
CA TYR G 46 20.19 5.16 6.00
C TYR G 46 19.98 6.38 6.89
N SER G 47 20.34 7.58 6.47
CA SER G 47 20.28 8.70 7.39
C SER G 47 18.97 9.34 7.72
N SER G 48 17.95 9.23 6.90
CA SER G 48 16.65 9.83 7.20
C SER G 48 15.82 8.82 7.99
N PRO G 49 15.12 9.27 9.03
CA PRO G 49 14.04 8.51 9.66
C PRO G 49 13.00 8.13 8.63
N ILE G 50 12.49 6.93 8.85
CA ILE G 50 11.40 6.33 8.08
C ILE G 50 10.15 6.32 8.96
N HIS G 51 9.02 6.82 8.46
CA HIS G 51 7.73 6.82 9.18
C HIS G 51 7.08 5.47 8.86
N ILE G 52 7.06 4.56 9.83
CA ILE G 52 6.58 3.21 9.56
C ILE G 52 5.11 3.00 10.08
N TRP G 53 4.61 3.74 11.05
CA TRP G 53 3.25 3.66 11.46
C TRP G 53 2.99 4.98 12.14
N ASP G 54 1.76 5.31 12.40
CA ASP G 54 1.45 6.60 12.96
C ASP G 54 0.39 6.44 14.00
N SER G 55 0.54 6.77 15.28
CA SER G 55 -0.58 6.54 16.20
C SER G 55 -1.75 7.52 16.07
N LYS G 56 -1.55 8.60 15.30
CA LYS G 56 -2.60 9.59 15.11
C LYS G 56 -3.69 8.83 14.38
N THR G 57 -3.39 7.95 13.41
CA THR G 57 -4.44 7.22 12.70
C THR G 57 -4.34 5.70 12.79
N GLY G 58 -3.30 5.09 13.30
CA GLY G 58 -3.23 3.65 13.31
C GLY G 58 -2.74 3.13 11.98
N ASN G 59 -2.47 3.96 10.98
CA ASN G 59 -2.00 3.38 9.71
C ASN G 59 -0.58 2.87 9.82
N VAL G 60 -0.24 1.86 9.06
CA VAL G 60 1.05 1.22 9.13
C VAL G 60 1.56 1.22 7.70
N ALA G 61 2.85 1.11 7.46
CA ALA G 61 3.34 1.31 6.15
C ALA G 61 3.71 0.04 5.50
N ASN G 62 3.66 0.09 4.20
CA ASN G 62 4.07 -1.02 3.35
C ASN G 62 5.49 -0.67 2.99
N PHE G 63 6.37 -1.62 2.70
CA PHE G 63 7.71 -1.30 2.27
C PHE G 63 8.33 -2.43 1.52
N VAL G 64 9.35 -2.11 0.74
CA VAL G 64 10.08 -3.06 -0.07
C VAL G 64 11.60 -2.73 0.08
N THR G 65 12.51 -3.71 0.04
CA THR G 65 13.90 -3.43 -0.10
C THR G 65 14.41 -4.66 -0.85
N SER G 66 15.47 -4.45 -1.58
CA SER G 66 16.21 -5.49 -2.25
C SER G 66 17.70 -5.10 -2.09
N PHE G 67 18.61 -6.06 -1.98
CA PHE G 67 20.01 -5.76 -1.87
C PHE G 67 20.75 -6.98 -2.28
N THR G 68 21.96 -6.82 -2.78
CA THR G 68 22.80 -7.96 -3.10
C THR G 68 23.92 -8.00 -2.08
N PHE G 69 24.27 -9.12 -1.44
CA PHE G 69 25.41 -9.18 -0.53
C PHE G 69 26.19 -10.44 -0.80
N VAL G 70 27.44 -10.45 -0.28
CA VAL G 70 28.37 -11.58 -0.42
C VAL G 70 28.96 -11.81 0.97
N ILE G 71 29.24 -13.07 1.29
CA ILE G 71 29.92 -13.43 2.52
C ILE G 71 31.07 -14.17 1.89
N ASP G 72 32.26 -13.65 2.24
CA ASP G 72 33.51 -14.23 1.80
C ASP G 72 34.22 -14.81 3.00
N ALA G 73 34.54 -16.09 2.87
CA ALA G 73 35.12 -16.79 4.00
C ALA G 73 36.24 -17.61 3.44
N PRO G 74 37.33 -17.73 4.21
CA PRO G 74 38.51 -18.51 3.82
C PRO G 74 38.08 -19.91 3.42
N ASN G 75 37.55 -20.65 4.38
CA ASN G 75 37.08 -21.97 4.00
C ASN G 75 35.58 -22.02 4.32
N SER G 76 34.85 -22.73 3.48
CA SER G 76 33.42 -22.93 3.64
C SER G 76 32.97 -23.65 4.91
N TYR G 77 33.85 -24.11 5.80
CA TYR G 77 33.36 -24.83 6.96
C TYR G 77 33.45 -23.99 8.22
N ASN G 78 34.29 -22.98 8.27
CA ASN G 78 34.43 -22.24 9.52
C ASN G 78 34.02 -20.86 9.02
N VAL G 79 32.82 -20.40 9.36
CA VAL G 79 32.31 -19.12 8.87
C VAL G 79 31.31 -18.71 9.91
N ALA G 80 31.26 -17.42 10.22
CA ALA G 80 30.39 -16.83 11.24
C ALA G 80 30.40 -15.31 11.07
N ASP G 81 29.69 -14.45 11.78
CA ASP G 81 28.44 -14.86 12.33
C ASP G 81 27.21 -14.74 11.45
N GLY G 82 27.36 -13.88 10.45
CA GLY G 82 26.31 -13.62 9.51
C GLY G 82 25.92 -12.15 9.48
N PHE G 83 24.89 -11.93 8.67
CA PHE G 83 24.40 -10.66 8.19
C PHE G 83 22.92 -10.38 8.56
N THR G 84 22.50 -9.13 8.71
CA THR G 84 21.16 -8.69 9.15
C THR G 84 20.62 -7.48 8.37
N PHE G 85 19.33 -7.41 8.01
CA PHE G 85 18.66 -6.21 7.57
C PHE G 85 17.85 -5.88 8.84
N PHE G 86 17.78 -4.71 9.46
CA PHE G 86 17.00 -4.49 10.67
C PHE G 86 16.33 -3.12 10.64
N ILE G 87 15.36 -2.94 11.51
CA ILE G 87 14.48 -1.80 11.59
C ILE G 87 14.62 -1.51 13.08
N ALA G 88 14.71 -0.29 13.60
CA ALA G 88 15.01 -0.11 15.01
C ALA G 88 14.79 1.32 15.41
N PRO G 89 14.88 1.77 16.64
CA PRO G 89 14.72 3.17 16.94
C PRO G 89 15.73 4.03 16.21
N VAL G 90 15.40 5.32 16.14
CA VAL G 90 16.12 6.30 15.38
C VAL G 90 17.53 6.47 15.86
N ASP G 91 17.73 6.27 17.14
CA ASP G 91 19.03 6.43 17.73
C ASP G 91 19.58 5.06 18.07
N THR G 92 19.65 4.07 17.17
CA THR G 92 20.21 2.77 17.48
C THR G 92 21.71 2.90 17.30
N LYS G 93 22.41 2.34 18.30
CA LYS G 93 23.85 2.27 18.40
C LYS G 93 24.11 0.78 18.50
N PRO G 94 25.14 0.12 17.98
CA PRO G 94 25.26 -1.32 18.04
C PRO G 94 25.20 -1.95 19.41
N GLN G 95 24.73 -3.17 19.39
CA GLN G 95 24.63 -3.86 20.66
C GLN G 95 25.70 -4.97 20.66
N THR G 96 25.37 -6.20 21.09
CA THR G 96 26.36 -7.25 21.29
C THR G 96 26.88 -7.85 20.04
N GLY G 97 28.15 -8.17 19.86
CA GLY G 97 28.69 -8.76 18.65
C GLY G 97 28.64 -10.29 18.69
N GLY G 98 29.34 -10.98 17.80
CA GLY G 98 29.34 -12.42 17.75
C GLY G 98 28.00 -12.96 17.30
N GLY G 99 27.50 -13.98 17.98
CA GLY G 99 26.24 -14.59 17.64
C GLY G 99 25.00 -13.70 17.66
N TYR G 100 25.10 -12.61 18.42
CA TYR G 100 24.05 -11.64 18.57
C TYR G 100 23.99 -10.64 17.44
N LEU G 101 24.89 -10.78 16.46
CA LEU G 101 24.84 -10.01 15.23
C LEU G 101 24.83 -8.47 15.38
N GLY G 102 25.15 -7.84 16.49
CA GLY G 102 25.29 -6.39 16.53
C GLY G 102 23.96 -5.67 16.71
N VAL G 103 22.91 -6.49 16.86
CA VAL G 103 21.56 -5.96 16.84
C VAL G 103 20.81 -6.28 18.13
N PHE G 104 21.04 -7.44 18.74
CA PHE G 104 20.29 -7.75 19.94
C PHE G 104 21.19 -8.04 21.08
N ASN G 105 20.69 -8.09 22.29
CA ASN G 105 21.52 -8.53 23.40
C ASN G 105 21.00 -9.83 24.00
N SER G 106 19.73 -10.21 23.82
CA SER G 106 19.26 -11.40 24.51
C SER G 106 18.61 -12.35 23.57
N LYS G 107 18.64 -13.62 24.02
CA LYS G 107 17.81 -14.60 23.37
C LYS G 107 16.46 -14.52 24.10
N ASP G 108 16.32 -14.08 25.35
CA ASP G 108 14.99 -13.88 25.87
C ASP G 108 14.42 -12.65 25.18
N TYR G 109 13.09 -12.59 25.08
CA TYR G 109 12.40 -11.50 24.47
C TYR G 109 12.53 -10.23 25.32
N ASP G 110 13.06 -9.18 24.66
CA ASP G 110 13.24 -7.88 25.28
C ASP G 110 12.30 -6.85 24.66
N LYS G 111 11.34 -6.27 25.36
CA LYS G 111 10.44 -5.33 24.69
C LYS G 111 11.01 -3.95 24.51
N THR G 112 12.09 -3.56 25.20
CA THR G 112 12.67 -2.22 25.03
C THR G 112 13.52 -2.18 23.79
N SER G 113 13.80 -3.36 23.24
CA SER G 113 14.66 -3.47 22.11
C SER G 113 14.08 -2.70 20.95
N GLN G 114 12.81 -2.80 20.62
CA GLN G 114 12.23 -2.09 19.50
C GLN G 114 12.99 -2.29 18.21
N THR G 115 13.62 -3.47 18.05
CA THR G 115 14.21 -3.76 16.75
C THR G 115 13.68 -5.13 16.36
N VAL G 116 13.49 -5.35 15.05
CA VAL G 116 13.03 -6.61 14.48
C VAL G 116 14.04 -6.81 13.33
N ALA G 117 14.63 -7.96 13.04
CA ALA G 117 15.63 -8.01 11.99
C ALA G 117 15.46 -9.22 11.10
N VAL G 118 16.07 -9.33 9.94
CA VAL G 118 15.88 -10.46 9.07
C VAL G 118 17.31 -10.87 8.96
N GLU G 119 17.54 -12.04 9.54
CA GLU G 119 18.87 -12.56 9.75
C GLU G 119 19.23 -13.60 8.74
N PHE G 120 20.52 -13.64 8.37
CA PHE G 120 21.13 -14.63 7.47
C PHE G 120 22.32 -15.09 8.35
N ASP G 121 22.08 -16.20 9.06
CA ASP G 121 22.92 -16.67 10.12
C ASP G 121 23.74 -17.85 9.67
N THR G 122 25.05 -17.72 9.98
CA THR G 122 26.00 -18.67 9.38
C THR G 122 26.79 -19.53 10.36
N PHE G 123 26.45 -19.37 11.64
CA PHE G 123 27.05 -20.07 12.73
C PHE G 123 25.93 -20.37 13.73
N TYR G 124 26.00 -21.70 13.99
CA TYR G 124 25.12 -22.36 14.93
C TYR G 124 25.49 -22.11 16.38
N ASN G 125 24.62 -21.41 17.10
CA ASN G 125 24.78 -21.07 18.51
C ASN G 125 23.67 -21.82 19.24
N THR G 126 24.10 -22.93 19.81
CA THR G 126 23.28 -23.88 20.50
C THR G 126 22.32 -23.29 21.48
N ALA G 127 22.51 -22.19 22.16
CA ALA G 127 21.49 -21.74 23.11
C ALA G 127 20.22 -21.20 22.46
N TRP G 128 20.24 -20.86 21.16
CA TRP G 128 19.00 -20.35 20.55
C TRP G 128 18.84 -20.74 19.09
N ASP G 129 19.84 -21.30 18.42
CA ASP G 129 19.67 -21.54 16.99
C ASP G 129 18.98 -22.85 16.68
N PRO G 130 18.42 -23.00 15.47
CA PRO G 130 17.89 -24.24 14.90
C PRO G 130 18.60 -25.51 15.29
N SER G 131 18.10 -26.38 16.15
CA SER G 131 18.86 -27.53 16.61
C SER G 131 19.49 -28.39 15.54
N ASN G 132 18.94 -28.33 14.34
CA ASN G 132 19.55 -29.10 13.25
C ASN G 132 20.94 -28.63 12.87
N GLY G 133 21.30 -27.46 13.40
CA GLY G 133 22.58 -26.84 13.22
C GLY G 133 22.82 -26.32 11.82
N ASP G 134 21.77 -26.02 11.05
CA ASP G 134 21.96 -25.52 9.70
C ASP G 134 22.08 -24.02 9.71
N ARG G 135 22.65 -23.51 8.62
CA ARG G 135 22.74 -22.06 8.44
C ARG G 135 21.34 -21.72 7.96
N HIS G 136 20.87 -20.56 8.36
CA HIS G 136 19.47 -20.25 8.15
C HIS G 136 19.15 -18.80 7.84
N ILE G 137 17.93 -18.53 7.40
CA ILE G 137 17.37 -17.21 7.24
C ILE G 137 16.36 -17.20 8.39
N GLY G 138 15.96 -16.10 9.01
CA GLY G 138 15.07 -16.15 10.15
C GLY G 138 14.56 -14.77 10.47
N ILE G 139 13.50 -14.65 11.25
CA ILE G 139 12.92 -13.37 11.47
C ILE G 139 12.98 -13.13 12.92
N ASP G 140 13.51 -12.01 13.37
CA ASP G 140 13.75 -11.83 14.78
C ASP G 140 12.98 -10.62 15.21
N VAL G 141 12.43 -10.58 16.41
CA VAL G 141 11.79 -9.40 16.89
C VAL G 141 12.01 -9.51 18.36
N ASN G 142 12.58 -8.40 18.77
CA ASN G 142 13.02 -8.17 20.11
C ASN G 142 13.88 -9.26 20.78
N SER G 143 14.53 -10.18 20.05
CA SER G 143 15.50 -11.09 20.59
C SER G 143 16.16 -11.79 19.40
N ILE G 144 17.26 -12.50 19.66
CA ILE G 144 18.03 -13.23 18.66
C ILE G 144 17.55 -14.66 18.50
N LYS G 145 16.42 -15.03 19.14
CA LYS G 145 15.84 -16.36 19.01
C LYS G 145 14.85 -16.15 17.88
N SER G 146 15.01 -16.61 16.67
CA SER G 146 14.12 -16.29 15.58
C SER G 146 12.69 -16.85 15.84
N ILE G 147 11.63 -16.15 15.38
CA ILE G 147 10.27 -16.65 15.50
C ILE G 147 10.06 -17.64 14.40
N ASN G 148 10.91 -17.67 13.38
CA ASN G 148 10.75 -18.60 12.29
C ASN G 148 12.09 -18.58 11.60
N THR G 149 12.44 -19.63 10.88
CA THR G 149 13.77 -19.95 10.35
C THR G 149 13.59 -20.65 9.00
N LYS G 150 14.57 -20.76 8.11
CA LYS G 150 14.46 -21.53 6.89
C LYS G 150 15.86 -22.03 6.71
N SER G 151 16.15 -23.22 6.26
CA SER G 151 17.53 -23.64 6.10
C SER G 151 18.04 -22.97 4.87
N TRP G 152 19.32 -22.58 4.89
CA TRP G 152 19.88 -21.87 3.76
C TRP G 152 21.22 -22.48 3.50
N ALA G 153 21.52 -22.66 2.24
CA ALA G 153 22.80 -23.22 1.91
C ALA G 153 23.73 -22.14 1.41
N LEU G 154 24.46 -21.52 2.34
CA LEU G 154 25.48 -20.51 2.02
C LEU G 154 26.37 -20.94 0.90
N GLN G 155 26.41 -20.15 -0.15
CA GLN G 155 27.27 -20.41 -1.27
C GLN G 155 28.31 -19.29 -1.16
N ASN G 156 29.39 -19.70 -0.52
CA ASN G 156 30.45 -18.76 -0.19
C ASN G 156 31.02 -18.06 -1.39
N GLY G 157 31.20 -16.76 -1.26
CA GLY G 157 31.84 -16.00 -2.28
C GLY G 157 30.90 -15.57 -3.39
N LYS G 158 29.71 -16.15 -3.50
CA LYS G 158 28.78 -15.78 -4.54
C LYS G 158 27.86 -14.66 -4.04
N GLU G 159 27.18 -13.94 -4.89
CA GLU G 159 26.38 -12.80 -4.46
C GLU G 159 25.01 -13.35 -4.38
N ALA G 160 24.22 -12.88 -3.45
CA ALA G 160 22.90 -13.41 -3.24
C ALA G 160 21.97 -12.23 -3.39
N ASN G 161 20.84 -12.27 -4.09
CA ASN G 161 19.92 -11.13 -4.18
C ASN G 161 18.80 -11.33 -3.23
N VAL G 162 18.44 -10.40 -2.34
CA VAL G 162 17.31 -10.67 -1.49
C VAL G 162 16.35 -9.49 -1.54
N VAL G 163 15.08 -9.79 -1.37
CA VAL G 163 13.98 -8.84 -1.42
C VAL G 163 13.35 -9.09 -0.11
N ILE G 164 12.96 -8.06 0.63
CA ILE G 164 12.31 -8.22 1.94
C ILE G 164 11.14 -7.32 1.79
N ALA G 165 9.97 -7.73 2.30
CA ALA G 165 8.80 -6.94 2.06
C ALA G 165 7.82 -6.99 3.17
N PHE G 166 7.12 -5.93 3.41
CA PHE G 166 6.12 -5.91 4.44
C PHE G 166 4.86 -5.39 3.76
N ASN G 167 3.67 -5.88 4.22
CA ASN G 167 2.37 -5.45 3.75
C ASN G 167 1.47 -5.15 4.91
N ALA G 168 1.15 -3.89 5.13
CA ALA G 168 0.48 -3.54 6.34
C ALA G 168 -0.84 -4.20 6.44
N ALA G 169 -1.59 -4.36 5.33
CA ALA G 169 -2.97 -4.87 5.42
C ALA G 169 -3.02 -6.24 6.05
N THR G 170 -1.97 -7.03 5.82
CA THR G 170 -1.95 -8.38 6.30
C THR G 170 -0.91 -8.60 7.36
N ASN G 171 0.00 -7.62 7.54
CA ASN G 171 1.22 -7.72 8.36
C ASN G 171 2.09 -8.89 7.97
N VAL G 172 2.04 -9.39 6.77
CA VAL G 172 2.91 -10.46 6.44
C VAL G 172 4.21 -9.80 6.00
N LEU G 173 5.33 -10.39 6.45
CA LEU G 173 6.68 -10.00 6.07
C LEU G 173 7.07 -11.11 5.13
N THR G 174 7.80 -10.87 4.06
CA THR G 174 8.25 -11.91 3.14
C THR G 174 9.75 -11.64 2.84
N VAL G 175 10.56 -12.69 2.72
CA VAL G 175 12.02 -12.66 2.61
C VAL G 175 12.31 -13.66 1.54
N SER G 176 13.12 -13.34 0.58
CA SER G 176 13.37 -14.28 -0.48
C SER G 176 14.85 -14.12 -0.70
N LEU G 177 15.64 -15.14 -0.99
CA LEU G 177 17.02 -14.90 -1.30
C LEU G 177 17.34 -15.75 -2.48
N THR G 178 17.91 -15.27 -3.58
CA THR G 178 18.25 -16.25 -4.58
C THR G 178 19.69 -16.07 -5.01
N TYR G 179 20.35 -17.17 -5.34
CA TYR G 179 21.70 -17.17 -5.93
C TYR G 179 21.40 -17.54 -7.34
N PRO G 180 22.01 -16.98 -8.38
CA PRO G 180 22.07 -17.56 -9.73
C PRO G 180 22.78 -18.90 -10.01
N THR H 2 19.27 -20.49 -6.85
CA THR H 2 18.28 -21.35 -6.23
C THR H 2 17.62 -20.36 -5.23
N SER H 3 16.49 -20.58 -4.56
CA SER H 3 15.84 -19.52 -3.81
C SER H 3 15.43 -20.10 -2.51
N TYR H 4 15.09 -19.27 -1.55
CA TYR H 4 14.69 -19.76 -0.25
C TYR H 4 13.72 -18.67 0.10
N THR H 5 12.54 -18.95 0.65
CA THR H 5 11.60 -17.88 0.95
C THR H 5 11.14 -17.98 2.39
N LEU H 6 10.61 -17.01 3.09
CA LEU H 6 10.17 -17.20 4.44
C LEU H 6 9.13 -16.11 4.61
N ASN H 7 8.02 -16.35 5.31
CA ASN H 7 6.92 -15.39 5.43
C ASN H 7 6.45 -15.42 6.86
N GLU H 8 5.77 -14.45 7.44
CA GLU H 8 5.30 -14.55 8.82
C GLU H 8 4.41 -13.36 9.05
N VAL H 9 3.54 -13.36 10.04
CA VAL H 9 2.66 -12.24 10.20
C VAL H 9 3.32 -11.41 11.26
N VAL H 10 4.05 -10.35 11.00
CA VAL H 10 4.60 -9.59 12.12
C VAL H 10 4.00 -8.19 12.18
N PRO H 11 3.11 -8.00 13.17
CA PRO H 11 2.53 -6.72 13.43
C PRO H 11 3.51 -5.66 13.84
N LEU H 12 4.29 -5.17 12.87
CA LEU H 12 5.30 -4.15 13.11
C LEU H 12 4.89 -3.07 14.07
N LYS H 13 3.67 -2.53 14.06
CA LYS H 13 3.20 -1.50 14.97
C LYS H 13 3.37 -1.83 16.45
N GLU H 14 3.47 -3.10 16.75
CA GLU H 14 3.52 -3.56 18.14
C GLU H 14 4.97 -3.57 18.64
N PHE H 15 5.89 -3.71 17.69
CA PHE H 15 7.28 -3.87 18.04
C PHE H 15 8.17 -2.67 17.82
N VAL H 16 8.05 -1.90 16.73
CA VAL H 16 8.94 -0.75 16.50
C VAL H 16 8.30 0.60 16.83
N PRO H 17 8.96 1.71 17.14
CA PRO H 17 8.25 2.98 17.30
C PRO H 17 7.79 3.47 15.92
N GLU H 18 7.15 4.66 15.99
CA GLU H 18 6.55 5.35 14.85
C GLU H 18 7.49 5.73 13.74
N TRP H 19 8.66 6.22 14.16
CA TRP H 19 9.82 6.66 13.35
C TRP H 19 11.00 5.73 13.62
N VAL H 20 11.54 5.13 12.60
CA VAL H 20 12.62 4.18 12.76
C VAL H 20 13.80 4.59 11.88
N ARG H 21 14.93 3.88 12.05
CA ARG H 21 16.06 3.88 11.16
C ARG H 21 16.12 2.45 10.72
N ILE H 22 16.58 2.19 9.53
CA ILE H 22 16.65 0.86 8.98
C ILE H 22 18.12 0.68 8.65
N GLY H 23 18.70 -0.51 8.59
CA GLY H 23 20.05 -0.62 8.11
C GLY H 23 20.46 -2.06 8.09
N PHE H 24 21.78 -2.27 7.99
CA PHE H 24 22.39 -3.56 7.98
C PHE H 24 23.44 -3.64 9.09
N SER H 25 23.74 -4.90 9.42
CA SER H 25 24.62 -5.24 10.49
C SER H 25 25.30 -6.52 10.11
N ALA H 26 26.45 -6.80 10.70
CA ALA H 26 27.16 -8.07 10.52
C ALA H 26 28.19 -8.11 11.62
N THR H 27 28.46 -9.31 12.09
CA THR H 27 29.45 -9.57 13.09
C THR H 27 30.33 -10.74 12.72
N THR H 28 31.47 -10.85 13.43
CA THR H 28 32.37 -11.99 13.44
C THR H 28 32.59 -12.25 14.93
N GLY H 29 32.93 -13.46 15.40
CA GLY H 29 33.28 -13.66 16.81
C GLY H 29 34.55 -14.51 16.77
N ALA H 30 34.58 -15.68 17.37
CA ALA H 30 35.72 -16.54 17.16
C ALA H 30 35.82 -16.99 15.72
N GLU H 31 34.79 -16.90 14.90
CA GLU H 31 34.99 -17.23 13.49
C GLU H 31 34.58 -15.99 12.73
N PHE H 32 34.80 -16.01 11.43
CA PHE H 32 34.64 -14.81 10.64
C PHE H 32 34.46 -15.09 9.16
N ALA H 33 33.97 -14.03 8.54
CA ALA H 33 33.93 -13.92 7.10
C ALA H 33 33.83 -12.43 6.82
N ALA H 34 33.97 -12.02 5.59
CA ALA H 34 33.83 -10.62 5.19
C ALA H 34 32.37 -10.45 4.82
N HIS H 35 31.68 -9.41 5.26
CA HIS H 35 30.27 -9.28 4.96
C HIS H 35 30.11 -8.02 4.17
N GLU H 36 29.70 -8.10 2.92
CA GLU H 36 29.64 -6.90 2.10
C GLU H 36 28.36 -6.76 1.27
N VAL H 37 27.77 -5.57 1.17
CA VAL H 37 26.56 -5.31 0.38
C VAL H 37 26.92 -4.64 -0.95
N LEU H 38 26.57 -5.16 -2.14
CA LEU H 38 26.86 -4.59 -3.44
C LEU H 38 25.89 -3.54 -3.92
N SER H 39 24.67 -3.48 -3.37
CA SER H 39 23.71 -2.44 -3.75
C SER H 39 22.53 -2.49 -2.83
N TRP H 40 21.77 -1.42 -2.63
CA TRP H 40 20.61 -1.40 -1.79
C TRP H 40 19.45 -0.60 -2.40
N TYR H 41 18.18 -1.00 -2.28
CA TYR H 41 17.05 -0.26 -2.77
C TYR H 41 16.01 -0.18 -1.66
N PHE H 42 15.27 0.90 -1.42
CA PHE H 42 14.22 0.85 -0.43
C PHE H 42 13.04 1.71 -0.85
N HIS H 43 11.83 1.27 -0.57
CA HIS H 43 10.66 2.06 -0.81
C HIS H 43 9.72 1.83 0.37
N SER H 44 9.15 2.81 1.06
CA SER H 44 8.08 2.67 2.04
C SER H 44 6.90 3.63 1.77
N GLU H 45 5.64 3.38 2.11
CA GLU H 45 4.54 4.33 1.87
C GLU H 45 3.57 4.28 2.99
N LEU H 46 3.17 5.38 3.56
CA LEU H 46 2.28 5.36 4.68
C LEU H 46 1.08 6.14 4.20
N ALA H 47 -0.05 5.49 4.42
CA ALA H 47 -1.33 6.03 4.10
C ALA H 47 -1.48 7.08 5.15
N GLY H 48 -2.06 8.19 4.83
CA GLY H 48 -2.20 9.18 5.86
C GLY H 48 -3.08 10.21 5.25
C1 GYP I . -44.43 -5.02 18.26
C2 GYP I . -43.98 -5.88 17.18
C3 GYP I . -42.93 -6.86 17.58
C4 GYP I . -41.72 -6.14 18.11
C5 GYP I . -42.19 -5.19 19.26
C6 GYP I . -41.15 -4.19 19.76
C7 GYP I . -45.82 -4.90 20.01
O1 GYP I . -45.13 -5.79 19.19
O2 GYP I . -45.10 -6.65 16.83
O3 GYP I . -42.59 -7.63 16.44
O4 GYP I . -40.81 -7.16 18.56
O5 GYP I . -43.31 -4.38 18.84
O6 GYP I . -40.63 -3.47 18.67
CA CA J . -36.73 -10.05 20.64
MN MN K . -33.81 -13.76 20.96
C1 GYP L . -10.23 -12.85 -38.15
C2 GYP L . -10.70 -11.84 -37.14
C3 GYP L . -9.56 -11.09 -36.49
C4 GYP L . -8.81 -12.16 -35.76
C5 GYP L . -8.24 -13.15 -36.80
C6 GYP L . -7.38 -14.25 -36.15
C7 GYP L . -8.63 -12.78 -39.90
O1 GYP L . -9.62 -12.05 -39.17
O2 GYP L . -11.47 -10.88 -37.81
O3 GYP L . -10.12 -10.05 -35.67
O4 GYP L . -7.80 -11.58 -34.98
O5 GYP L . -9.34 -13.78 -37.52
O6 GYP L . -8.14 -15.18 -35.39
CA CA M . -3.59 -9.84 -32.18
MN MN N . -1.73 -6.59 -29.36
C1 GYP O . 13.27 46.12 6.69
C2 GYP O . 14.35 45.00 6.73
C3 GYP O . 14.69 44.60 5.31
C4 GYP O . 13.45 43.95 4.80
C5 GYP O . 12.32 45.00 4.80
C6 GYP O . 11.12 44.18 4.56
C7 GYP O . 12.83 48.25 5.76
O1 GYP O . 13.82 47.23 5.98
O2 GYP O . 15.47 45.52 7.37
O3 GYP O . 15.83 43.75 5.17
O4 GYP O . 13.69 43.37 3.55
O5 GYP O . 12.09 45.60 6.08
O6 GYP O . 10.74 43.56 5.78
CA CA P . 13.43 41.33 -0.95
MN MN Q . -0.43 36.35 -11.07
C1 GYP R . 32.17 -17.06 19.80
C2 GYP R . 31.12 -16.08 20.26
C3 GYP R . 29.74 -16.29 19.59
C4 GYP R . 29.90 -16.41 18.08
C5 GYP R . 30.88 -17.50 17.76
C6 GYP R . 31.08 -17.63 16.26
C7 GYP R . 32.68 -19.36 19.84
O1 GYP R . 31.96 -18.31 20.46
O2 GYP R . 30.92 -16.30 21.66
O3 GYP R . 28.95 -15.15 19.94
O4 GYP R . 28.65 -16.69 17.48
O5 GYP R . 32.11 -17.16 18.37
O6 GYP R . 31.86 -16.56 15.77
CA CA S . 24.25 -17.94 15.08
MN MN T . 19.81 -17.61 14.18
#